data_7TBD
#
_entry.id   7TBD
#
_cell.length_a   82.021
_cell.length_b   88.440
_cell.length_c   230.173
_cell.angle_alpha   90.000
_cell.angle_beta   90.000
_cell.angle_gamma   90.000
#
_symmetry.space_group_name_H-M   'I 2 2 2'
#
loop_
_entity.id
_entity.type
_entity.pdbx_description
1 polymer 'Plasmepsin X'
2 branched beta-D-mannopyranose-(1-4)-2-acetamido-2-deoxy-beta-D-glucopyranose-(1-4)-2-acetamido-2-deoxy-beta-D-glucopyranose
3 branched 2-acetamido-2-deoxy-beta-D-glucopyranose-(1-4)-2-acetamido-2-deoxy-beta-D-glucopyranose
4 non-polymer (4R)-4-[(2E)-4,4-diethyl-2-imino-6-oxo-1,3-diazinan-1-yl]-N-[(4S)-2,2-dimethyl-3,4-dihydro-2H-1-benzopyran-4-yl]-3,4-dihydro-2H-1-benzopyran-6-carboxamide
5 non-polymer GLYCEROL
6 water water
#
_entity_poly.entity_id   1
_entity_poly.type   'polypeptide(L)'
_entity_poly.pdbx_seq_one_letter_code
;IDVKNAHAVVEQTEENVFLIPLKHLRDSQFVGTLLVGVPPQEIHPIFDTGSTNLWVVTTDCEEESCKKVKRYNPYKSKTF
RRSFIGKNLHIVFGSGSISGSIGKETFVLGDHTVRNQTFGLVESESNDSLNGDNIFDYIDFEGIVGLGFPEMLSAGKVSF
FDNLLSQNKNLSPQFSFYISPEDNTSTFLVGGVSKSFYEGSIYMLPVVKEYYWEVELDGIYVGEKKICCEEKSYAIFDTG
TSYNTMPSAQMKGFFDVVPSAPCTEENYQEVLKNYPVIKYLFGDLVIELLPEEYMILNEESCIPAYMQIDVPSEKNHAYL
LGSIAFMRHYYTVFVRGAGGQPSMVGVAKARAAAEAAQKVAELENFYFQGDYKDDDDKH
;
_entity_poly.pdbx_strand_id   A,B
#
loop_
_chem_comp.id
_chem_comp.type
_chem_comp.name
_chem_comp.formula
BMA D-saccharide, beta linking beta-D-mannopyranose 'C6 H12 O6'
GOL non-polymer GLYCEROL 'C3 H8 O3'
I0L non-polymer (4R)-4-[(2E)-4,4-diethyl-2-imino-6-oxo-1,3-diazinan-1-yl]-N-[(4S)-2,2-dimethyl-3,4-dihydro-2H-1-benzopyran-4-yl]-3,4-dihydro-2H-1-benzopyran-6-carboxamide 'C29 H36 N4 O4'
NAG D-saccharide, beta linking 2-acetamido-2-deoxy-beta-D-glucopyranose 'C8 H15 N O6'
#
# COMPACT_ATOMS: atom_id res chain seq x y z
N LYS A 4 8.23 10.26 0.68
CA LYS A 4 8.99 9.21 1.35
C LYS A 4 8.37 8.85 2.70
N ASN A 5 7.71 9.81 3.36
CA ASN A 5 7.06 9.58 4.63
C ASN A 5 5.72 8.88 4.40
N ALA A 6 5.51 7.76 5.09
CA ALA A 6 4.37 6.91 4.77
C ALA A 6 3.09 7.34 5.50
N HIS A 7 1.96 6.84 5.00
CA HIS A 7 0.66 6.85 5.67
C HIS A 7 0.39 5.50 6.31
N ALA A 8 -0.42 5.51 7.37
CA ALA A 8 -0.88 4.29 8.02
C ALA A 8 -2.41 4.16 7.97
N VAL A 9 -2.88 2.94 7.86
CA VAL A 9 -4.30 2.65 8.02
C VAL A 9 -4.55 2.44 9.50
N VAL A 10 -5.37 3.30 10.09
CA VAL A 10 -5.69 3.27 11.51
C VAL A 10 -7.18 3.10 11.71
N GLU A 11 -7.57 2.37 12.75
CA GLU A 11 -8.98 2.12 13.00
C GLU A 11 -9.67 3.38 13.53
N GLN A 12 -10.95 3.50 13.20
CA GLN A 12 -11.79 4.60 13.63
C GLN A 12 -13.12 4.04 14.13
N THR A 13 -13.76 4.81 14.99
CA THR A 13 -15.10 4.48 15.43
C THR A 13 -16.08 4.75 14.29
N GLU A 14 -17.13 3.93 14.24
CA GLU A 14 -17.97 3.86 13.06
C GLU A 14 -18.55 5.22 12.66
N GLU A 15 -18.79 6.11 13.61
CA GLU A 15 -19.40 7.39 13.23
C GLU A 15 -18.42 8.34 12.57
N ASN A 16 -17.12 8.04 12.55
CA ASN A 16 -16.20 9.00 11.98
C ASN A 16 -15.95 8.75 10.51
N VAL A 17 -16.50 7.66 9.97
CA VAL A 17 -16.43 7.36 8.56
C VAL A 17 -17.85 6.99 8.19
N PHE A 18 -18.55 7.86 7.46
CA PHE A 18 -19.94 7.57 7.18
C PHE A 18 -20.08 7.08 5.75
N LEU A 19 -21.00 6.14 5.54
CA LEU A 19 -21.16 5.43 4.29
C LEU A 19 -22.40 5.94 3.57
N ILE A 20 -22.25 6.26 2.29
CA ILE A 20 -23.36 6.65 1.44
C ILE A 20 -23.57 5.57 0.40
N PRO A 21 -24.62 4.76 0.51
CA PRO A 21 -24.92 3.80 -0.54
C PRO A 21 -25.16 4.52 -1.86
N LEU A 22 -24.55 4.01 -2.91
CA LEU A 22 -24.69 4.55 -4.26
C LEU A 22 -25.49 3.54 -5.04
N LYS A 23 -26.59 3.98 -5.63
CA LYS A 23 -27.42 3.12 -6.46
C LYS A 23 -27.05 3.37 -7.91
N HIS A 24 -26.77 2.29 -8.64
CA HIS A 24 -26.44 2.38 -10.07
C HIS A 24 -27.76 2.39 -10.86
N LEU A 25 -28.15 3.57 -11.35
CA LEU A 25 -29.38 3.71 -12.10
C LEU A 25 -29.18 3.18 -13.52
N ARG A 26 -30.29 2.83 -14.17
CA ARG A 26 -30.21 2.35 -15.55
C ARG A 26 -29.61 3.40 -16.47
N ASP A 27 -29.72 4.70 -16.15
CA ASP A 27 -29.17 5.73 -17.02
C ASP A 27 -27.67 5.91 -16.81
N SER A 28 -27.06 5.09 -15.97
CA SER A 28 -25.63 4.96 -15.66
C SER A 28 -25.15 5.87 -14.52
N GLN A 29 -26.01 6.71 -13.94
CA GLN A 29 -25.60 7.52 -12.79
C GLN A 29 -25.46 6.63 -11.56
N PHE A 30 -24.39 6.84 -10.79
CA PHE A 30 -24.29 6.34 -9.42
C PHE A 30 -24.73 7.48 -8.52
N VAL A 31 -25.91 7.34 -7.90
CA VAL A 31 -26.49 8.42 -7.12
C VAL A 31 -26.61 7.98 -5.68
N GLY A 32 -26.39 8.93 -4.77
CA GLY A 32 -26.66 8.76 -3.35
C GLY A 32 -27.93 9.49 -2.95
N THR A 33 -28.05 9.76 -1.66
CA THR A 33 -29.16 10.52 -1.09
C THR A 33 -28.60 11.75 -0.42
N LEU A 34 -29.26 12.89 -0.63
CA LEU A 34 -28.87 14.15 -0.01
C LEU A 34 -30.11 14.90 0.46
N LEU A 35 -30.10 15.35 1.70
CA LEU A 35 -31.21 16.10 2.28
C LEU A 35 -30.90 17.60 2.23
N VAL A 36 -31.81 18.38 1.65
CA VAL A 36 -31.63 19.82 1.47
C VAL A 36 -32.70 20.56 2.28
N GLY A 37 -32.26 21.52 3.09
CA GLY A 37 -33.15 22.42 3.79
C GLY A 37 -34.01 21.77 4.88
N VAL A 38 -34.96 22.58 5.34
CA VAL A 38 -35.88 22.25 6.43
C VAL A 38 -37.26 22.80 6.15
N PRO A 39 -38.31 21.96 6.15
CA PRO A 39 -38.22 20.51 6.32
C PRO A 39 -37.42 19.88 5.18
N PRO A 40 -36.76 18.74 5.41
CA PRO A 40 -35.79 18.27 4.42
C PRO A 40 -36.46 17.85 3.12
N GLN A 41 -35.84 18.24 2.01
CA GLN A 41 -36.19 17.74 0.69
C GLN A 41 -35.07 16.84 0.21
N GLU A 42 -35.45 15.72 -0.40
CA GLU A 42 -34.51 14.65 -0.74
C GLU A 42 -34.15 14.71 -2.22
N ILE A 43 -32.86 14.74 -2.51
CA ILE A 43 -32.39 14.60 -3.88
C ILE A 43 -31.35 13.50 -3.94
N HIS A 44 -31.09 13.06 -5.17
CA HIS A 44 -30.25 11.89 -5.44
C HIS A 44 -29.17 12.33 -6.41
N PRO A 45 -28.11 12.96 -5.91
CA PRO A 45 -27.06 13.49 -6.78
C PRO A 45 -25.99 12.44 -7.07
N ILE A 46 -25.21 12.72 -8.11
CA ILE A 46 -23.94 12.01 -8.26
C ILE A 46 -22.88 12.67 -7.39
N PHE A 47 -21.80 11.94 -7.14
CA PHE A 47 -20.65 12.45 -6.40
C PHE A 47 -19.46 12.51 -7.35
N ASP A 48 -18.95 13.72 -7.59
CA ASP A 48 -18.14 14.03 -8.77
C ASP A 48 -16.79 14.60 -8.34
N THR A 49 -15.74 13.81 -8.48
CA THR A 49 -14.41 14.28 -8.14
C THR A 49 -13.82 15.21 -9.20
N GLY A 50 -14.48 15.35 -10.35
CA GLY A 50 -14.03 16.20 -11.44
C GLY A 50 -14.61 17.60 -11.45
N SER A 51 -15.38 17.99 -10.45
CA SER A 51 -15.87 19.36 -10.31
C SER A 51 -16.03 19.67 -8.83
N THR A 52 -16.31 20.94 -8.50
CA THR A 52 -16.44 21.27 -7.09
C THR A 52 -17.78 21.89 -6.70
N ASN A 53 -18.47 22.58 -7.61
CA ASN A 53 -19.75 23.19 -7.26
C ASN A 53 -20.74 22.13 -6.77
N LEU A 54 -21.56 22.52 -5.79
CA LEU A 54 -22.73 21.75 -5.42
C LEU A 54 -23.93 22.24 -6.24
N TRP A 55 -24.51 21.34 -7.05
CA TRP A 55 -25.66 21.68 -7.89
C TRP A 55 -26.89 20.90 -7.44
N VAL A 56 -28.02 21.59 -7.36
CA VAL A 56 -29.31 20.99 -7.03
C VAL A 56 -30.31 21.42 -8.09
N VAL A 57 -31.07 20.46 -8.60
CA VAL A 57 -32.12 20.77 -9.57
C VAL A 57 -33.34 21.30 -8.82
N THR A 58 -33.90 22.42 -9.30
CA THR A 58 -34.91 23.15 -8.53
C THR A 58 -36.15 23.44 -9.38
N THR A 59 -37.22 23.79 -8.67
CA THR A 59 -38.48 24.19 -9.28
C THR A 59 -38.38 25.48 -10.07
N ASP A 60 -37.21 26.15 -10.10
CA ASP A 60 -36.99 27.25 -11.02
C ASP A 60 -36.71 26.78 -12.45
N CYS A 61 -36.30 25.52 -12.63
CA CYS A 61 -36.18 24.93 -13.96
C CYS A 61 -37.50 24.25 -14.32
N GLU A 62 -38.18 24.76 -15.35
CA GLU A 62 -39.44 24.19 -15.79
C GLU A 62 -39.30 23.41 -17.09
N GLU A 63 -38.08 23.17 -17.55
CA GLU A 63 -37.85 22.37 -18.73
C GLU A 63 -38.22 20.90 -18.48
N GLU A 64 -38.48 20.21 -19.58
CA GLU A 64 -38.92 18.82 -19.52
C GLU A 64 -37.92 17.95 -18.76
N SER A 65 -36.63 18.10 -19.06
CA SER A 65 -35.61 17.29 -18.39
C SER A 65 -35.56 17.54 -16.88
N CYS A 66 -35.95 18.73 -16.41
CA CYS A 66 -36.00 18.99 -14.98
C CYS A 66 -37.33 18.57 -14.35
N LYS A 67 -38.43 18.75 -15.07
CA LYS A 67 -39.74 18.45 -14.49
C LYS A 67 -39.91 16.96 -14.25
N LYS A 68 -39.22 16.11 -15.00
CA LYS A 68 -39.37 14.67 -14.82
C LYS A 68 -38.73 14.13 -13.54
N VAL A 69 -37.99 14.94 -12.78
CA VAL A 69 -37.37 14.47 -11.53
C VAL A 69 -37.99 15.19 -10.34
N LYS A 70 -37.54 14.82 -9.14
CA LYS A 70 -38.03 15.40 -7.89
C LYS A 70 -37.28 16.71 -7.65
N ARG A 71 -37.86 17.81 -8.13
CA ARG A 71 -37.17 19.09 -8.05
C ARG A 71 -37.19 19.62 -6.61
N TYR A 72 -36.08 20.22 -6.20
CA TYR A 72 -36.02 20.88 -4.92
C TYR A 72 -36.70 22.25 -4.99
N ASN A 73 -37.59 22.54 -4.05
CA ASN A 73 -38.33 23.79 -4.07
C ASN A 73 -37.82 24.74 -2.98
N PRO A 74 -37.02 25.74 -3.32
CA PRO A 74 -36.46 26.62 -2.27
C PRO A 74 -37.50 27.40 -1.50
N TYR A 75 -38.67 27.64 -2.08
CA TYR A 75 -39.72 28.38 -1.38
C TYR A 75 -40.38 27.53 -0.29
N LYS A 76 -40.14 26.23 -0.27
CA LYS A 76 -40.62 25.37 0.81
C LYS A 76 -39.59 25.20 1.93
N SER A 77 -38.44 25.86 1.86
CA SER A 77 -37.38 25.64 2.84
C SER A 77 -37.26 26.84 3.77
N LYS A 78 -37.37 26.58 5.08
CA LYS A 78 -37.16 27.62 6.07
C LYS A 78 -35.71 28.07 6.15
N THR A 79 -34.77 27.25 5.71
CA THR A 79 -33.35 27.57 5.85
C THR A 79 -32.74 28.13 4.57
N PHE A 80 -33.44 28.08 3.45
CA PHE A 80 -32.87 28.62 2.23
C PHE A 80 -32.65 30.13 2.34
N ARG A 81 -31.48 30.59 1.88
CA ARG A 81 -31.14 32.00 1.88
C ARG A 81 -30.46 32.37 0.57
N ARG A 82 -30.91 33.45 -0.06
CA ARG A 82 -30.18 34.13 -1.12
C ARG A 82 -29.41 35.31 -0.53
N SER A 83 -28.33 35.70 -1.19
CA SER A 83 -27.71 36.97 -0.83
C SER A 83 -28.51 38.10 -1.46
N PHE A 84 -28.40 39.29 -0.86
CA PHE A 84 -29.18 40.42 -1.37
C PHE A 84 -28.83 40.72 -2.81
N ILE A 85 -27.56 40.56 -3.16
CA ILE A 85 -27.08 40.70 -4.52
C ILE A 85 -26.80 39.30 -5.06
N GLY A 86 -27.54 38.90 -6.10
CA GLY A 86 -27.43 37.55 -6.63
C GLY A 86 -26.29 37.36 -7.60
N LYS A 87 -26.02 36.09 -7.88
CA LYS A 87 -24.97 35.70 -8.80
C LYS A 87 -25.53 34.66 -9.78
N ASN A 88 -25.27 34.83 -11.07
CA ASN A 88 -25.70 33.82 -12.02
C ASN A 88 -24.50 32.92 -12.31
N LEU A 89 -24.77 31.63 -12.54
CA LEU A 89 -23.76 30.62 -12.83
C LEU A 89 -24.11 29.88 -14.12
N HIS A 90 -23.14 29.74 -15.03
CA HIS A 90 -23.38 29.06 -16.31
C HIS A 90 -22.19 28.15 -16.62
N ILE A 91 -22.39 26.83 -16.53
CA ILE A 91 -21.35 25.83 -16.73
C ILE A 91 -21.55 25.13 -18.07
N VAL A 92 -20.52 25.10 -18.90
CA VAL A 92 -20.55 24.39 -20.18
C VAL A 92 -19.51 23.27 -20.13
N PHE A 93 -19.92 22.07 -20.51
CA PHE A 93 -19.05 20.90 -20.59
C PHE A 93 -19.42 20.15 -21.87
N GLY A 94 -18.69 19.07 -22.14
CA GLY A 94 -18.79 18.47 -23.46
C GLY A 94 -20.18 17.99 -23.84
N SER A 95 -20.94 17.49 -22.88
CA SER A 95 -22.21 16.85 -23.21
C SER A 95 -23.43 17.65 -22.76
N GLY A 96 -23.24 18.87 -22.28
CA GLY A 96 -24.37 19.65 -21.84
C GLY A 96 -23.93 20.92 -21.16
N SER A 97 -24.90 21.60 -20.58
CA SER A 97 -24.66 22.85 -19.88
C SER A 97 -25.66 22.97 -18.75
N ILE A 98 -25.26 23.68 -17.71
CA ILE A 98 -26.04 23.87 -16.51
C ILE A 98 -25.96 25.35 -16.17
N SER A 99 -27.10 25.97 -15.94
CA SER A 99 -27.10 27.37 -15.57
C SER A 99 -28.13 27.59 -14.47
N GLY A 100 -27.80 28.50 -13.57
CA GLY A 100 -28.70 28.79 -12.47
C GLY A 100 -28.17 29.95 -11.64
N SER A 101 -28.65 30.05 -10.41
CA SER A 101 -28.26 31.11 -9.50
C SER A 101 -27.67 30.51 -8.23
N ILE A 102 -27.05 31.37 -7.43
CA ILE A 102 -26.39 30.97 -6.20
C ILE A 102 -27.31 31.18 -5.01
N GLY A 103 -27.20 30.29 -4.03
CA GLY A 103 -27.96 30.39 -2.80
C GLY A 103 -27.20 29.69 -1.71
N LYS A 104 -27.73 29.77 -0.49
CA LYS A 104 -27.18 29.05 0.63
C LYS A 104 -28.26 28.19 1.25
N GLU A 105 -27.84 27.06 1.80
CA GLU A 105 -28.80 26.11 2.33
C GLU A 105 -28.12 25.29 3.41
N THR A 106 -28.94 24.58 4.19
CA THR A 106 -28.47 23.57 5.12
C THR A 106 -28.64 22.19 4.48
N PHE A 107 -27.58 21.38 4.50
CA PHE A 107 -27.60 20.04 3.93
C PHE A 107 -27.31 19.01 5.02
N VAL A 108 -27.90 17.82 4.86
CA VAL A 108 -27.54 16.64 5.65
C VAL A 108 -27.05 15.57 4.69
N LEU A 109 -25.83 15.11 4.90
CA LEU A 109 -25.24 13.99 4.15
C LEU A 109 -24.76 12.95 5.16
N GLY A 110 -25.29 11.73 5.07
CA GLY A 110 -24.88 10.71 6.02
C GLY A 110 -25.11 11.12 7.46
N ASP A 111 -26.24 11.76 7.74
CA ASP A 111 -26.58 12.16 9.10
C ASP A 111 -25.69 13.29 9.61
N HIS A 112 -24.83 13.85 8.76
CA HIS A 112 -23.99 14.96 9.16
C HIS A 112 -24.53 16.25 8.53
N THR A 113 -24.64 17.29 9.34
CA THR A 113 -25.28 18.54 8.93
C THR A 113 -24.23 19.57 8.51
N VAL A 114 -24.53 20.30 7.44
CA VAL A 114 -23.67 21.38 6.96
C VAL A 114 -24.54 22.62 6.78
N ARG A 115 -24.18 23.70 7.44
CA ARG A 115 -24.91 24.96 7.35
C ARG A 115 -24.15 25.99 6.52
N ASN A 116 -24.91 26.95 5.99
CA ASN A 116 -24.35 28.08 5.23
C ASN A 116 -23.63 27.60 3.97
N GLN A 117 -24.14 26.56 3.32
CA GLN A 117 -23.44 26.00 2.18
C GLN A 117 -23.92 26.66 0.90
N THR A 118 -23.02 27.32 0.21
CA THR A 118 -23.30 27.86 -1.10
C THR A 118 -23.54 26.73 -2.09
N PHE A 119 -24.58 26.88 -2.91
CA PHE A 119 -24.87 25.90 -3.94
C PHE A 119 -25.52 26.59 -5.13
N GLY A 120 -25.46 25.91 -6.28
CA GLY A 120 -26.10 26.41 -7.48
C GLY A 120 -27.50 25.82 -7.62
N LEU A 121 -28.48 26.70 -7.83
CA LEU A 121 -29.84 26.27 -8.08
C LEU A 121 -30.01 26.17 -9.58
N VAL A 122 -30.18 24.94 -10.09
CA VAL A 122 -30.37 24.75 -11.52
C VAL A 122 -31.65 25.44 -11.96
N GLU A 123 -31.54 26.24 -13.01
CA GLU A 123 -32.68 26.86 -13.65
C GLU A 123 -32.84 26.42 -15.09
N SER A 124 -31.80 25.87 -15.71
CA SER A 124 -31.85 25.53 -17.13
C SER A 124 -30.85 24.42 -17.42
N GLU A 125 -31.28 23.39 -18.13
CA GLU A 125 -30.42 22.27 -18.53
C GLU A 125 -30.20 22.21 -20.04
N SER A 126 -30.38 23.31 -20.77
CA SER A 126 -30.45 23.22 -22.24
C SER A 126 -29.31 24.01 -22.88
N ASN A 127 -28.58 23.34 -23.77
CA ASN A 127 -27.48 23.90 -24.54
C ASN A 127 -27.94 24.53 -25.86
N ASN A 134 -28.33 16.53 -25.90
CA ASN A 134 -28.15 16.88 -24.49
C ASN A 134 -28.23 15.68 -23.51
N ILE A 135 -27.19 15.54 -22.67
CA ILE A 135 -27.11 14.42 -21.73
C ILE A 135 -28.34 14.38 -20.82
N PHE A 136 -28.84 15.56 -20.42
CA PHE A 136 -29.96 15.56 -19.49
C PHE A 136 -31.23 14.95 -20.06
N ASP A 137 -31.30 14.74 -21.37
CA ASP A 137 -32.47 14.07 -21.92
C ASP A 137 -32.41 12.56 -21.73
N TYR A 138 -31.21 12.02 -21.43
CA TYR A 138 -30.99 10.59 -21.27
C TYR A 138 -30.81 10.14 -19.83
N ILE A 139 -30.72 11.06 -18.88
CA ILE A 139 -30.55 10.70 -17.48
C ILE A 139 -31.61 11.42 -16.65
N ASP A 140 -31.83 10.91 -15.43
CA ASP A 140 -32.70 11.53 -14.45
C ASP A 140 -31.82 12.32 -13.48
N PHE A 141 -31.36 13.49 -13.94
CA PHE A 141 -30.40 14.27 -13.17
C PHE A 141 -31.08 15.05 -12.06
N GLU A 142 -30.54 14.94 -10.84
CA GLU A 142 -31.04 15.72 -9.72
C GLU A 142 -29.98 16.56 -9.02
N GLY A 143 -28.70 16.31 -9.24
CA GLY A 143 -27.70 17.17 -8.62
C GLY A 143 -26.31 16.56 -8.66
N ILE A 144 -25.36 17.40 -8.26
CA ILE A 144 -23.95 17.06 -8.21
C ILE A 144 -23.41 17.51 -6.88
N VAL A 145 -22.78 16.60 -6.16
CA VAL A 145 -21.89 16.96 -5.06
C VAL A 145 -20.48 16.95 -5.63
N GLY A 146 -19.94 18.13 -5.92
CA GLY A 146 -18.57 18.23 -6.41
C GLY A 146 -17.55 17.97 -5.31
N LEU A 147 -16.51 17.23 -5.65
CA LEU A 147 -15.49 16.86 -4.66
C LEU A 147 -14.08 17.25 -5.12
N GLY A 148 -13.98 18.12 -6.12
CA GLY A 148 -12.71 18.62 -6.57
C GLY A 148 -12.15 19.64 -5.59
N PHE A 149 -11.03 20.23 -5.95
CA PHE A 149 -10.40 21.19 -5.06
C PHE A 149 -11.11 22.53 -5.14
N PRO A 150 -10.97 23.35 -4.09
CA PRO A 150 -11.76 24.59 -4.01
C PRO A 150 -11.43 25.55 -5.14
N GLU A 151 -10.25 25.43 -5.73
CA GLU A 151 -9.90 26.25 -6.88
C GLU A 151 -10.92 26.13 -8.02
N MET A 152 -11.67 25.04 -8.09
CA MET A 152 -12.67 24.89 -9.15
C MET A 152 -14.03 25.46 -8.78
N LEU A 153 -14.19 26.02 -7.60
CA LEU A 153 -15.49 26.61 -7.28
C LEU A 153 -15.77 27.78 -8.22
N SER A 154 -17.01 27.87 -8.68
CA SER A 154 -17.43 29.00 -9.46
C SER A 154 -17.96 30.13 -8.60
N ALA A 155 -18.39 29.81 -7.37
CA ALA A 155 -18.89 30.81 -6.45
C ALA A 155 -18.85 30.27 -5.03
N GLY A 156 -18.91 31.17 -4.07
CA GLY A 156 -18.76 30.83 -2.68
C GLY A 156 -17.31 30.74 -2.27
N LYS A 157 -17.07 30.87 -0.97
CA LYS A 157 -15.73 30.82 -0.44
C LYS A 157 -15.36 29.45 0.11
N VAL A 158 -16.34 28.54 0.29
CA VAL A 158 -16.12 27.29 1.00
C VAL A 158 -16.77 26.15 0.22
N SER A 159 -15.96 25.20 -0.23
CA SER A 159 -16.52 24.04 -0.92
C SER A 159 -17.35 23.21 0.04
N PHE A 160 -18.18 22.34 -0.53
CA PHE A 160 -19.06 21.53 0.33
C PHE A 160 -18.24 20.60 1.22
N PHE A 161 -17.21 19.95 0.66
CA PHE A 161 -16.43 19.03 1.47
C PHE A 161 -15.71 19.78 2.59
N ASP A 162 -15.05 20.88 2.23
CA ASP A 162 -14.36 21.69 3.23
C ASP A 162 -15.32 22.20 4.29
N ASN A 163 -16.50 22.65 3.88
CA ASN A 163 -17.49 23.16 4.83
C ASN A 163 -18.01 22.04 5.72
N LEU A 164 -18.27 20.87 5.13
CA LEU A 164 -18.70 19.73 5.92
C LEU A 164 -17.68 19.39 7.00
N LEU A 165 -16.39 19.37 6.63
CA LEU A 165 -15.34 19.06 7.60
C LEU A 165 -15.25 20.10 8.70
N SER A 166 -15.34 21.39 8.32
CA SER A 166 -15.18 22.46 9.31
C SER A 166 -16.28 22.43 10.36
N GLN A 167 -17.43 21.83 10.05
CA GLN A 167 -18.52 21.75 11.01
C GLN A 167 -18.67 20.38 11.65
N ASN A 168 -17.77 19.44 11.34
CA ASN A 168 -17.87 18.08 11.87
C ASN A 168 -16.46 17.59 12.16
N LYS A 169 -16.00 17.86 13.38
CA LYS A 169 -14.60 17.64 13.73
C LYS A 169 -14.24 16.16 13.82
N ASN A 170 -15.24 15.27 13.81
CA ASN A 170 -14.97 13.84 13.81
C ASN A 170 -14.55 13.32 12.46
N LEU A 171 -14.73 14.11 11.38
CA LEU A 171 -14.36 13.65 10.05
C LEU A 171 -12.91 14.01 9.72
N SER A 172 -12.17 13.05 9.12
CA SER A 172 -10.87 13.37 8.55
C SER A 172 -11.00 13.82 7.10
N PRO A 173 -10.12 14.71 6.62
CA PRO A 173 -10.30 15.23 5.24
C PRO A 173 -9.89 14.23 4.17
N GLN A 174 -10.68 13.16 4.06
CA GLN A 174 -10.46 12.12 3.07
C GLN A 174 -11.79 11.46 2.74
N PHE A 175 -11.84 10.80 1.59
CA PHE A 175 -13.01 10.03 1.20
C PHE A 175 -12.56 8.96 0.23
N SER A 176 -13.43 7.98 0.01
CA SER A 176 -13.09 6.90 -0.91
C SER A 176 -14.35 6.39 -1.60
N PHE A 177 -14.15 5.69 -2.72
CA PHE A 177 -15.24 5.20 -3.56
C PHE A 177 -15.09 3.70 -3.75
N TYR A 178 -16.17 2.96 -3.50
CA TYR A 178 -16.24 1.54 -3.85
C TYR A 178 -17.32 1.35 -4.91
N ILE A 179 -16.92 0.97 -6.12
CA ILE A 179 -17.84 0.90 -7.26
C ILE A 179 -18.05 -0.58 -7.61
N SER A 180 -19.27 -1.07 -7.39
CA SER A 180 -19.63 -2.46 -7.69
C SER A 180 -21.07 -2.49 -8.17
N PRO A 181 -21.32 -2.13 -9.43
CA PRO A 181 -22.72 -1.93 -9.85
C PRO A 181 -23.55 -3.21 -9.89
N GLU A 182 -22.97 -4.33 -10.32
CA GLU A 182 -23.72 -5.57 -10.34
C GLU A 182 -24.07 -6.08 -8.94
N ASP A 183 -23.48 -5.51 -7.89
CA ASP A 183 -23.70 -5.92 -6.51
C ASP A 183 -24.70 -5.08 -5.74
N ASN A 184 -24.99 -3.86 -6.17
CA ASN A 184 -25.71 -2.92 -5.31
C ASN A 184 -24.97 -2.72 -3.99
N THR A 185 -23.65 -2.89 -4.00
CA THR A 185 -22.82 -2.60 -2.85
C THR A 185 -21.98 -1.33 -3.02
N SER A 186 -22.20 -0.56 -4.10
CA SER A 186 -21.39 0.63 -4.29
C SER A 186 -21.58 1.59 -3.13
N THR A 187 -20.50 2.28 -2.74
CA THR A 187 -20.50 3.07 -1.52
C THR A 187 -19.58 4.27 -1.70
N PHE A 188 -20.07 5.43 -1.31
CA PHE A 188 -19.21 6.59 -1.11
C PHE A 188 -18.95 6.74 0.38
N LEU A 189 -17.68 6.84 0.76
CA LEU A 189 -17.27 6.90 2.15
C LEU A 189 -16.60 8.24 2.42
N VAL A 190 -17.05 8.92 3.48
CA VAL A 190 -16.51 10.22 3.89
C VAL A 190 -15.79 10.04 5.21
N GLY A 191 -14.52 10.46 5.26
CA GLY A 191 -13.77 10.42 6.50
C GLY A 191 -12.78 9.28 6.58
N GLY A 192 -12.73 8.40 5.60
CA GLY A 192 -11.80 7.29 5.67
C GLY A 192 -12.09 6.22 4.63
N VAL A 193 -11.81 4.99 5.01
CA VAL A 193 -11.87 3.83 4.14
C VAL A 193 -12.46 2.67 4.92
N SER A 194 -12.66 1.55 4.23
CA SER A 194 -13.07 0.32 4.88
C SER A 194 -12.26 -0.81 4.26
N LYS A 195 -11.62 -1.60 5.11
CA LYS A 195 -10.78 -2.69 4.62
C LYS A 195 -11.61 -3.78 3.95
N SER A 196 -12.94 -3.80 4.17
CA SER A 196 -13.82 -4.71 3.46
C SER A 196 -13.82 -4.49 1.95
N PHE A 197 -13.39 -3.32 1.48
CA PHE A 197 -13.57 -2.94 0.08
C PHE A 197 -12.31 -3.14 -0.75
N TYR A 198 -11.19 -3.48 -0.13
CA TYR A 198 -9.95 -3.67 -0.87
C TYR A 198 -9.14 -4.81 -0.29
N GLU A 199 -8.17 -5.26 -1.08
CA GLU A 199 -7.21 -6.27 -0.66
C GLU A 199 -5.83 -5.82 -1.10
N GLY A 200 -4.80 -6.43 -0.54
CA GLY A 200 -3.43 -6.02 -0.78
C GLY A 200 -3.13 -4.72 -0.05
N SER A 201 -2.16 -3.97 -0.57
CA SER A 201 -1.81 -2.67 0.00
C SER A 201 -2.41 -1.54 -0.84
N ILE A 202 -2.58 -0.40 -0.18
CA ILE A 202 -2.86 0.87 -0.83
C ILE A 202 -1.54 1.52 -1.20
N TYR A 203 -1.42 1.97 -2.44
CA TYR A 203 -0.27 2.76 -2.90
C TYR A 203 -0.70 4.19 -3.20
N MET A 204 0.05 5.16 -2.68
CA MET A 204 -0.29 6.57 -2.74
C MET A 204 0.43 7.25 -3.89
N LEU A 205 -0.29 8.15 -4.57
CA LEU A 205 0.25 8.94 -5.67
C LEU A 205 0.06 10.41 -5.30
N PRO A 206 1.11 11.21 -5.26
CA PRO A 206 0.95 12.64 -4.94
C PRO A 206 0.15 13.39 -5.99
N VAL A 207 -0.73 14.26 -5.53
CA VAL A 207 -1.46 15.19 -6.41
C VAL A 207 -0.50 16.30 -6.83
N VAL A 208 -0.30 16.46 -8.15
CA VAL A 208 0.65 17.46 -8.65
C VAL A 208 0.02 18.85 -8.78
N LYS A 209 -1.30 18.95 -8.98
CA LYS A 209 -1.94 20.27 -9.01
C LYS A 209 -3.33 20.15 -8.40
N GLU A 210 -3.59 20.91 -7.33
CA GLU A 210 -4.86 20.84 -6.60
C GLU A 210 -5.91 21.65 -7.35
N TYR A 211 -6.48 21.02 -8.37
CA TYR A 211 -7.60 21.56 -9.12
C TYR A 211 -8.52 20.37 -9.41
N TYR A 212 -8.10 19.51 -10.34
CA TYR A 212 -8.61 18.16 -10.40
C TYR A 212 -7.81 17.32 -9.42
N TRP A 213 -8.24 16.07 -9.22
CA TRP A 213 -7.42 15.10 -8.53
C TRP A 213 -6.44 14.52 -9.56
N GLU A 214 -5.28 15.15 -9.67
CA GLU A 214 -4.38 14.97 -10.81
C GLU A 214 -3.00 14.52 -10.35
N VAL A 215 -2.53 13.41 -10.93
CA VAL A 215 -1.23 12.85 -10.60
C VAL A 215 -0.41 12.65 -11.87
N GLU A 216 0.90 12.58 -11.69
CA GLU A 216 1.79 12.29 -12.81
C GLU A 216 1.47 10.93 -13.44
N LEU A 217 1.50 10.86 -14.76
CA LEU A 217 1.31 9.63 -15.51
C LEU A 217 2.53 9.47 -16.40
N ASP A 218 3.24 8.36 -16.23
CA ASP A 218 4.52 8.18 -16.93
C ASP A 218 4.45 7.30 -18.17
N GLY A 219 3.40 6.52 -18.37
CA GLY A 219 3.31 5.78 -19.60
C GLY A 219 2.04 4.96 -19.66
N ILE A 220 1.70 4.56 -20.89
CA ILE A 220 0.55 3.70 -21.16
C ILE A 220 0.93 2.69 -22.22
N TYR A 221 0.58 1.43 -22.00
CA TYR A 221 0.80 0.38 -22.97
C TYR A 221 -0.50 -0.33 -23.24
N VAL A 222 -0.71 -0.66 -24.51
CA VAL A 222 -1.76 -1.58 -24.94
C VAL A 222 -1.03 -2.79 -25.52
N GLY A 223 -1.02 -3.90 -24.79
CA GLY A 223 -0.11 -4.96 -25.18
C GLY A 223 1.30 -4.39 -25.18
N GLU A 224 2.02 -4.60 -26.28
CA GLU A 224 3.40 -4.13 -26.42
C GLU A 224 3.51 -2.72 -26.99
N LYS A 225 2.42 -2.12 -27.47
CA LYS A 225 2.48 -0.80 -28.11
C LYS A 225 2.44 0.31 -27.06
N LYS A 226 3.50 1.12 -27.00
CA LYS A 226 3.56 2.31 -26.17
C LYS A 226 2.65 3.39 -26.73
N ILE A 227 1.53 3.65 -26.04
CA ILE A 227 0.61 4.70 -26.45
C ILE A 227 0.95 6.06 -25.83
N CYS A 228 1.73 6.07 -24.75
CA CYS A 228 2.11 7.25 -23.98
C CYS A 228 3.41 6.88 -23.29
N CYS A 229 4.39 7.79 -23.24
CA CYS A 229 4.22 9.22 -23.37
C CYS A 229 5.46 9.81 -24.02
N GLU A 230 5.30 10.68 -25.01
CA GLU A 230 6.44 11.41 -25.53
C GLU A 230 6.62 12.74 -24.80
N GLU A 231 5.53 13.36 -24.37
CA GLU A 231 5.54 14.54 -23.52
C GLU A 231 4.99 14.21 -22.14
N LYS A 232 5.38 15.02 -21.16
CA LYS A 232 4.91 14.87 -19.78
C LYS A 232 3.38 14.79 -19.71
N SER A 233 2.86 13.70 -19.14
CA SER A 233 1.42 13.45 -19.11
C SER A 233 0.92 13.34 -17.67
N TYR A 234 -0.41 13.27 -17.52
CA TYR A 234 -1.03 13.23 -16.19
C TYR A 234 -2.30 12.39 -16.25
N ALA A 235 -2.67 11.87 -15.09
CA ALA A 235 -3.93 11.14 -14.92
C ALA A 235 -4.81 11.89 -13.94
N ILE A 236 -6.11 11.87 -14.21
CA ILE A 236 -7.10 12.58 -13.41
C ILE A 236 -8.15 11.56 -12.99
N PHE A 237 -8.35 11.40 -11.69
CA PHE A 237 -9.36 10.48 -11.18
C PHE A 237 -10.68 11.23 -11.10
N ASP A 238 -11.61 10.91 -12.00
CA ASP A 238 -12.80 11.74 -12.23
C ASP A 238 -14.04 10.84 -12.18
N THR A 239 -14.72 10.81 -11.03
CA THR A 239 -15.87 9.92 -10.93
C THR A 239 -17.04 10.39 -11.77
N GLY A 240 -16.99 11.61 -12.31
CA GLY A 240 -18.05 12.20 -13.10
C GLY A 240 -18.10 11.70 -14.52
N THR A 241 -17.14 10.90 -14.92
CA THR A 241 -17.18 10.20 -16.20
C THR A 241 -17.14 8.70 -15.95
N SER A 242 -18.01 7.96 -16.65
CA SER A 242 -18.01 6.51 -16.55
C SER A 242 -16.83 5.91 -17.31
N TYR A 243 -16.33 6.62 -18.31
CA TYR A 243 -15.32 6.12 -19.23
C TYR A 243 -13.95 6.63 -18.82
N ASN A 244 -12.92 5.86 -19.16
CA ASN A 244 -11.58 6.41 -19.24
C ASN A 244 -11.45 7.25 -20.51
N THR A 245 -10.48 8.17 -20.52
CA THR A 245 -10.32 9.05 -21.65
C THR A 245 -8.86 9.18 -22.03
N MET A 246 -8.64 9.49 -23.30
CA MET A 246 -7.34 9.87 -23.83
C MET A 246 -7.51 11.12 -24.67
N PRO A 247 -6.44 11.88 -24.88
CA PRO A 247 -6.53 13.00 -25.82
C PRO A 247 -6.71 12.48 -27.23
N SER A 248 -7.18 13.38 -28.10
CA SER A 248 -7.47 13.05 -29.49
C SER A 248 -6.30 12.36 -30.18
N ALA A 249 -5.12 12.99 -30.13
CA ALA A 249 -3.96 12.41 -30.79
C ALA A 249 -3.79 10.93 -30.43
N GLN A 250 -4.03 10.57 -29.18
CA GLN A 250 -3.84 9.18 -28.77
C GLN A 250 -5.12 8.37 -28.91
N MET A 251 -6.28 9.02 -28.87
CA MET A 251 -7.52 8.27 -28.84
C MET A 251 -7.73 7.52 -30.15
N LYS A 252 -7.35 8.13 -31.28
CA LYS A 252 -7.48 7.46 -32.57
C LYS A 252 -6.57 6.25 -32.65
N GLY A 253 -5.32 6.37 -32.19
CA GLY A 253 -4.42 5.24 -32.19
C GLY A 253 -4.89 4.09 -31.30
N PHE A 254 -5.56 4.42 -30.19
CA PHE A 254 -6.08 3.39 -29.30
C PHE A 254 -7.17 2.56 -29.96
N PHE A 255 -8.21 3.22 -30.48
CA PHE A 255 -9.31 2.49 -31.11
C PHE A 255 -8.84 1.72 -32.34
N ASP A 256 -7.76 2.19 -32.97
CA ASP A 256 -7.24 1.48 -34.12
C ASP A 256 -6.72 0.08 -33.74
N VAL A 257 -6.21 -0.08 -32.51
CA VAL A 257 -5.77 -1.39 -32.05
C VAL A 257 -6.76 -2.04 -31.10
N VAL A 258 -7.82 -1.35 -30.69
CA VAL A 258 -8.82 -1.92 -29.80
C VAL A 258 -10.20 -1.85 -30.47
N PRO A 259 -10.52 -2.78 -31.35
CA PRO A 259 -11.81 -2.71 -32.04
C PRO A 259 -12.93 -3.31 -31.21
N SER A 260 -14.15 -2.86 -31.51
CA SER A 260 -15.36 -3.41 -30.91
C SER A 260 -15.65 -4.78 -31.52
N ALA A 261 -16.61 -5.49 -30.89
CA ALA A 261 -16.92 -6.84 -31.30
C ALA A 261 -18.32 -7.18 -30.83
N PRO A 262 -19.09 -7.95 -31.60
CA PRO A 262 -20.39 -8.41 -31.11
C PRO A 262 -20.22 -9.39 -29.96
N CYS A 263 -21.07 -9.23 -28.94
CA CYS A 263 -20.93 -9.92 -27.67
C CYS A 263 -22.30 -10.13 -27.04
N THR A 264 -22.39 -11.19 -26.24
CA THR A 264 -23.51 -11.40 -25.33
C THR A 264 -22.94 -11.84 -23.98
N GLU A 265 -23.80 -11.80 -22.96
CA GLU A 265 -23.39 -12.30 -21.64
C GLU A 265 -22.88 -13.73 -21.71
N GLU A 266 -23.17 -14.45 -22.80
CA GLU A 266 -22.85 -15.87 -22.89
C GLU A 266 -21.56 -16.17 -23.65
N ASN A 267 -21.07 -15.24 -24.47
CA ASN A 267 -19.90 -15.50 -25.31
C ASN A 267 -18.78 -14.47 -25.16
N TYR A 268 -18.94 -13.45 -24.31
CA TYR A 268 -17.96 -12.36 -24.30
C TYR A 268 -16.61 -12.82 -23.77
N GLN A 269 -16.61 -13.70 -22.76
CA GLN A 269 -15.34 -14.22 -22.26
C GLN A 269 -14.50 -14.78 -23.39
N GLU A 270 -15.12 -15.52 -24.31
CA GLU A 270 -14.36 -16.08 -25.43
C GLU A 270 -14.10 -15.01 -26.49
N VAL A 271 -15.07 -14.13 -26.74
CA VAL A 271 -14.84 -13.07 -27.71
C VAL A 271 -13.60 -12.27 -27.33
N LEU A 272 -13.43 -11.99 -26.04
CA LEU A 272 -12.38 -11.09 -25.58
C LEU A 272 -11.12 -11.80 -25.13
N LYS A 273 -11.05 -13.12 -25.29
CA LYS A 273 -9.97 -13.89 -24.70
C LYS A 273 -8.60 -13.43 -25.17
N ASN A 274 -8.49 -12.92 -26.39
CA ASN A 274 -7.19 -12.56 -26.95
C ASN A 274 -6.96 -11.04 -27.04
N TYR A 275 -7.78 -10.24 -26.34
CA TYR A 275 -7.61 -8.80 -26.38
C TYR A 275 -6.37 -8.41 -25.57
N PRO A 276 -5.83 -7.22 -25.82
CA PRO A 276 -4.61 -6.80 -25.11
C PRO A 276 -4.89 -6.27 -23.72
N VAL A 277 -3.90 -6.44 -22.84
CA VAL A 277 -3.92 -5.85 -21.51
C VAL A 277 -3.38 -4.43 -21.59
N ILE A 278 -4.11 -3.47 -21.01
CA ILE A 278 -3.64 -2.09 -20.87
C ILE A 278 -2.89 -1.94 -19.56
N LYS A 279 -1.79 -1.19 -19.60
CA LYS A 279 -1.00 -0.86 -18.43
C LYS A 279 -0.85 0.66 -18.33
N TYR A 280 -1.17 1.21 -17.16
CA TYR A 280 -0.83 2.59 -16.82
C TYR A 280 0.35 2.57 -15.86
N LEU A 281 1.34 3.42 -16.13
CA LEU A 281 2.57 3.51 -15.35
C LEU A 281 2.56 4.80 -14.52
N PHE A 282 2.52 4.65 -13.20
CA PHE A 282 2.65 5.76 -12.28
C PHE A 282 3.96 5.51 -11.53
N GLY A 283 5.06 5.99 -12.09
CA GLY A 283 6.35 5.79 -11.44
C GLY A 283 6.73 4.32 -11.40
N ASP A 284 6.92 3.78 -10.20
CA ASP A 284 7.16 2.35 -10.06
C ASP A 284 5.88 1.55 -9.95
N LEU A 285 4.73 2.21 -9.89
CA LEU A 285 3.47 1.49 -9.80
C LEU A 285 2.93 1.26 -11.21
N VAL A 286 2.57 0.02 -11.50
CA VAL A 286 1.98 -0.37 -12.77
C VAL A 286 0.58 -0.89 -12.49
N ILE A 287 -0.41 -0.23 -13.08
CA ILE A 287 -1.82 -0.63 -13.01
C ILE A 287 -2.19 -1.24 -14.34
N GLU A 288 -2.73 -2.45 -14.33
CA GLU A 288 -3.15 -3.07 -15.57
C GLU A 288 -4.66 -3.20 -15.59
N LEU A 289 -5.23 -3.03 -16.78
CA LEU A 289 -6.65 -3.27 -17.03
C LEU A 289 -6.76 -4.39 -18.04
N LEU A 290 -7.46 -5.45 -17.65
CA LEU A 290 -7.76 -6.63 -18.44
C LEU A 290 -8.93 -6.37 -19.38
N PRO A 291 -8.99 -7.06 -20.52
CA PRO A 291 -10.09 -6.79 -21.47
C PRO A 291 -11.48 -6.82 -20.86
N GLU A 292 -11.77 -7.81 -20.02
CA GLU A 292 -13.08 -7.84 -19.38
C GLU A 292 -13.27 -6.72 -18.37
N GLU A 293 -12.26 -5.88 -18.12
CA GLU A 293 -12.42 -4.75 -17.22
C GLU A 293 -12.56 -3.41 -17.94
N TYR A 294 -11.95 -3.24 -19.11
CA TYR A 294 -12.08 -1.98 -19.84
C TYR A 294 -13.05 -2.09 -21.02
N MET A 295 -13.54 -3.28 -21.34
CA MET A 295 -14.57 -3.47 -22.35
C MET A 295 -15.91 -3.65 -21.65
N ILE A 296 -16.96 -3.11 -22.23
CA ILE A 296 -18.29 -3.19 -21.64
C ILE A 296 -19.28 -3.68 -22.69
N LEU A 297 -20.33 -4.34 -22.23
CA LEU A 297 -21.37 -4.82 -23.12
C LEU A 297 -22.33 -3.68 -23.41
N ASN A 298 -22.57 -3.41 -24.69
CA ASN A 298 -23.43 -2.29 -25.07
C ASN A 298 -24.13 -2.64 -26.38
N GLU A 299 -25.43 -2.90 -26.31
CA GLU A 299 -26.28 -3.16 -27.47
C GLU A 299 -25.67 -4.24 -28.36
N GLU A 300 -25.64 -5.45 -27.81
CA GLU A 300 -25.16 -6.62 -28.55
C GLU A 300 -23.72 -6.46 -29.01
N SER A 301 -22.93 -5.67 -28.29
CA SER A 301 -21.59 -5.33 -28.75
C SER A 301 -20.66 -5.16 -27.55
N CYS A 302 -19.41 -5.56 -27.73
CA CYS A 302 -18.34 -5.26 -26.77
C CYS A 302 -17.64 -4.00 -27.23
N ILE A 303 -17.59 -2.99 -26.36
CA ILE A 303 -16.94 -1.74 -26.74
C ILE A 303 -15.99 -1.27 -25.66
N PRO A 304 -14.89 -0.62 -26.01
CA PRO A 304 -13.97 -0.09 -25.00
C PRO A 304 -14.61 1.08 -24.26
N ALA A 305 -14.58 1.02 -22.93
CA ALA A 305 -15.16 2.11 -22.12
C ALA A 305 -14.23 3.32 -22.14
N TYR A 306 -14.00 3.85 -23.34
CA TYR A 306 -13.10 4.96 -23.54
C TYR A 306 -13.74 6.02 -24.43
N MET A 307 -13.33 7.26 -24.25
CA MET A 307 -13.78 8.35 -25.09
C MET A 307 -12.69 9.39 -25.16
N GLN A 308 -12.76 10.22 -26.19
CA GLN A 308 -11.78 11.27 -26.39
C GLN A 308 -12.16 12.48 -25.56
N ILE A 309 -11.18 13.06 -24.87
CA ILE A 309 -11.37 14.26 -24.07
C ILE A 309 -10.06 15.00 -24.09
N ASP A 310 -10.11 16.28 -24.44
CA ASP A 310 -8.95 17.16 -24.39
C ASP A 310 -9.20 18.18 -23.30
N VAL A 311 -8.37 18.11 -22.25
CA VAL A 311 -8.50 18.99 -21.09
C VAL A 311 -7.68 20.24 -21.35
N PRO A 312 -8.30 21.42 -21.50
CA PRO A 312 -7.54 22.60 -21.97
C PRO A 312 -6.37 22.94 -21.06
N SER A 313 -6.59 23.00 -19.75
CA SER A 313 -5.46 23.04 -18.84
C SER A 313 -4.72 21.70 -18.93
N GLU A 314 -3.46 21.70 -18.49
CA GLU A 314 -2.56 20.55 -18.62
C GLU A 314 -2.26 20.24 -20.09
N LYS A 315 -2.73 21.07 -21.03
CA LYS A 315 -2.28 21.06 -22.42
C LYS A 315 -2.60 19.76 -23.17
N ASN A 316 -3.72 19.13 -22.84
CA ASN A 316 -4.13 17.87 -23.49
C ASN A 316 -3.07 16.79 -23.38
N HIS A 317 -2.48 16.70 -22.19
CA HIS A 317 -1.65 15.56 -21.81
C HIS A 317 -2.23 14.90 -20.56
N ALA A 318 -3.52 15.08 -20.33
CA ALA A 318 -4.23 14.54 -19.19
C ALA A 318 -5.11 13.38 -19.63
N TYR A 319 -5.06 12.30 -18.86
CA TYR A 319 -5.84 11.09 -19.11
C TYR A 319 -6.77 10.86 -17.94
N LEU A 320 -8.06 10.67 -18.21
CA LEU A 320 -9.01 10.53 -17.12
C LEU A 320 -9.27 9.06 -16.81
N LEU A 321 -9.50 8.81 -15.52
CA LEU A 321 -9.85 7.49 -15.00
C LEU A 321 -11.25 7.60 -14.41
N GLY A 322 -12.21 6.86 -14.98
CA GLY A 322 -13.61 6.99 -14.64
C GLY A 322 -14.16 5.86 -13.79
N SER A 323 -15.46 5.95 -13.53
CA SER A 323 -16.09 5.07 -12.56
C SER A 323 -16.15 3.63 -13.05
N ILE A 324 -16.45 3.43 -14.32
CA ILE A 324 -16.71 2.08 -14.80
C ILE A 324 -15.45 1.40 -15.33
N ALA A 325 -14.57 2.15 -15.98
CA ALA A 325 -13.41 1.50 -16.56
C ALA A 325 -12.21 1.51 -15.64
N PHE A 326 -12.31 2.14 -14.47
CA PHE A 326 -11.17 2.11 -13.58
C PHE A 326 -11.57 1.84 -12.13
N MET A 327 -12.44 2.65 -11.53
CA MET A 327 -12.69 2.49 -10.10
C MET A 327 -13.44 1.21 -9.76
N ARG A 328 -14.13 0.61 -10.72
CA ARG A 328 -14.74 -0.70 -10.50
C ARG A 328 -13.68 -1.72 -10.12
N HIS A 329 -12.47 -1.59 -10.65
CA HIS A 329 -11.42 -2.57 -10.43
C HIS A 329 -10.43 -2.15 -9.36
N TYR A 330 -10.39 -0.86 -9.03
CA TYR A 330 -9.46 -0.31 -8.05
C TYR A 330 -10.22 0.56 -7.07
N TYR A 331 -10.25 0.14 -5.82
CA TYR A 331 -10.67 1.01 -4.74
C TYR A 331 -9.75 2.21 -4.68
N THR A 332 -10.34 3.41 -4.54
CA THR A 332 -9.60 4.65 -4.64
C THR A 332 -9.87 5.51 -3.40
N VAL A 333 -8.81 6.09 -2.84
CA VAL A 333 -8.90 6.94 -1.67
C VAL A 333 -8.37 8.31 -2.05
N PHE A 334 -9.03 9.35 -1.52
CA PHE A 334 -8.71 10.73 -1.85
C PHE A 334 -8.39 11.41 -0.53
N VAL A 335 -7.15 11.85 -0.39
CA VAL A 335 -6.63 12.40 0.86
C VAL A 335 -6.29 13.87 0.65
N ARG A 336 -6.88 14.72 1.46
CA ARG A 336 -6.76 16.17 1.32
C ARG A 336 -5.49 16.66 1.98
N GLY A 337 -4.56 17.18 1.20
CA GLY A 337 -3.35 17.74 1.74
C GLY A 337 -3.56 19.11 2.38
N ALA A 338 -2.59 19.52 3.19
CA ALA A 338 -2.57 20.89 3.72
C ALA A 338 -1.12 21.36 3.77
N GLY A 339 -0.96 22.69 3.70
CA GLY A 339 0.36 23.30 3.76
C GLY A 339 1.41 22.57 2.95
N GLY A 340 2.55 22.31 3.58
CA GLY A 340 3.65 21.58 2.94
C GLY A 340 3.35 20.14 2.59
N GLN A 341 2.14 19.64 2.90
CA GLN A 341 1.82 18.25 2.64
C GLN A 341 0.95 18.15 1.40
N PRO A 342 1.35 17.36 0.40
CA PRO A 342 0.53 17.25 -0.82
C PRO A 342 -0.72 16.40 -0.59
N SER A 343 -1.77 16.73 -1.36
CA SER A 343 -2.90 15.84 -1.43
C SER A 343 -2.48 14.57 -2.16
N MET A 344 -3.18 13.47 -1.90
CA MET A 344 -2.81 12.21 -2.54
C MET A 344 -4.02 11.39 -2.88
N VAL A 345 -3.85 10.55 -3.91
CA VAL A 345 -4.78 9.50 -4.26
C VAL A 345 -4.13 8.16 -3.97
N GLY A 346 -4.84 7.31 -3.24
CA GLY A 346 -4.40 5.95 -2.94
C GLY A 346 -5.20 4.98 -3.78
N VAL A 347 -4.54 3.93 -4.24
CA VAL A 347 -5.18 2.97 -5.12
C VAL A 347 -4.88 1.56 -4.63
N ALA A 348 -5.91 0.73 -4.57
CA ALA A 348 -5.76 -0.66 -4.16
C ALA A 348 -6.71 -1.49 -4.99
N LYS A 349 -6.36 -2.77 -5.15
CA LYS A 349 -7.23 -3.71 -5.85
C LYS A 349 -8.55 -3.81 -5.09
N ALA A 350 -9.66 -3.66 -5.82
CA ALA A 350 -10.95 -3.76 -5.17
C ALA A 350 -11.24 -5.20 -4.75
N ARG A 351 -11.86 -5.35 -3.58
CA ARG A 351 -12.31 -6.65 -3.08
C ARG A 351 -13.70 -6.96 -3.65
N ALA A 352 -13.78 -7.97 -4.51
CA ALA A 352 -15.04 -8.26 -5.18
C ALA A 352 -16.05 -8.92 -4.24
N ALA A 353 -15.57 -9.62 -3.21
CA ALA A 353 -16.42 -10.29 -2.23
C ALA A 353 -17.02 -9.34 -1.17
N ALA A 354 -16.73 -8.04 -1.23
CA ALA A 354 -17.29 -7.13 -0.25
C ALA A 354 -18.80 -7.22 -0.22
N GLU A 355 -19.37 -7.08 0.98
CA GLU A 355 -20.80 -6.95 1.17
C GLU A 355 -21.00 -5.61 1.84
N ALA A 356 -21.18 -5.55 3.15
CA ALA A 356 -21.24 -4.28 3.86
C ALA A 356 -19.87 -3.90 4.41
N ALA A 357 -19.67 -2.61 4.66
CA ALA A 357 -18.48 -2.15 5.35
C ALA A 357 -18.54 -2.60 6.80
N GLN A 358 -17.74 -3.61 7.15
CA GLN A 358 -17.80 -4.20 8.48
C GLN A 358 -17.23 -3.23 9.52
N LYS A 359 -15.96 -2.88 9.37
CA LYS A 359 -15.28 -1.88 10.18
C LYS A 359 -14.88 -0.73 9.27
N VAL A 360 -14.31 0.32 9.86
CA VAL A 360 -13.83 1.45 9.09
C VAL A 360 -12.52 1.94 9.68
N ALA A 361 -11.76 2.64 8.86
CA ALA A 361 -10.44 3.15 9.21
C ALA A 361 -10.23 4.46 8.46
N GLU A 362 -9.11 5.11 8.73
CA GLU A 362 -8.68 6.29 7.98
C GLU A 362 -7.19 6.18 7.73
N LEU A 363 -6.71 6.91 6.73
CA LEU A 363 -5.27 7.00 6.46
C LEU A 363 -4.70 8.19 7.22
N GLU A 364 -3.80 7.91 8.16
CA GLU A 364 -3.09 8.93 8.91
C GLU A 364 -1.72 9.14 8.29
N ASN A 365 -1.25 10.38 8.32
CA ASN A 365 0.04 10.73 7.72
C ASN A 365 1.09 10.79 8.83
N PHE A 366 2.22 10.12 8.61
CA PHE A 366 3.29 10.05 9.61
C PHE A 366 4.28 11.19 9.57
N ALA B 6 5.45 8.60 1.43
CA ALA B 6 4.21 7.85 1.35
C ALA B 6 4.01 7.21 -0.02
N HIS B 7 4.55 6.02 -0.27
CA HIS B 7 4.06 5.32 -1.45
C HIS B 7 3.14 4.17 -1.10
N ALA B 8 3.54 3.27 -0.20
CA ALA B 8 2.65 2.23 0.28
C ALA B 8 2.15 2.62 1.66
N VAL B 9 0.89 2.35 1.92
CA VAL B 9 0.29 2.60 3.22
C VAL B 9 0.53 1.38 4.11
N VAL B 10 1.14 1.60 5.30
CA VAL B 10 1.38 0.48 6.21
C VAL B 10 0.09 0.21 6.94
N GLU B 11 -0.22 -1.08 7.10
CA GLU B 11 -1.43 -1.49 7.80
C GLU B 11 -1.19 -1.42 9.30
N GLN B 12 -2.06 -0.72 10.02
CA GLN B 12 -1.82 -0.57 11.45
C GLN B 12 -3.08 -0.79 12.27
N THR B 13 -4.13 -1.38 11.70
CA THR B 13 -5.34 -1.61 12.49
C THR B 13 -5.11 -2.79 13.43
N GLU B 14 -5.50 -2.63 14.69
CA GLU B 14 -5.11 -3.59 15.72
C GLU B 14 -5.70 -4.97 15.47
N GLU B 15 -6.88 -5.03 14.84
CA GLU B 15 -7.53 -6.30 14.59
C GLU B 15 -6.89 -7.09 13.46
N ASN B 16 -6.03 -6.46 12.66
CA ASN B 16 -5.47 -7.08 11.47
C ASN B 16 -3.97 -7.27 11.53
N VAL B 17 -3.33 -6.99 12.66
CA VAL B 17 -1.89 -7.13 12.80
C VAL B 17 -1.62 -8.12 13.90
N PHE B 18 -0.97 -9.24 13.56
CA PHE B 18 -0.75 -10.34 14.51
C PHE B 18 0.70 -10.36 15.00
N LEU B 19 0.86 -10.61 16.30
CA LEU B 19 2.14 -10.50 16.97
C LEU B 19 2.71 -11.88 17.17
N ILE B 20 3.98 -12.07 16.79
CA ILE B 20 4.72 -13.29 17.05
C ILE B 20 5.90 -12.93 17.95
N PRO B 21 5.82 -13.22 19.25
CA PRO B 21 6.94 -12.94 20.15
C PRO B 21 8.21 -13.69 19.76
N LEU B 22 9.34 -12.99 19.81
CA LEU B 22 10.66 -13.53 19.53
C LEU B 22 11.48 -13.51 20.80
N LYS B 23 12.04 -14.67 21.18
CA LYS B 23 12.88 -14.75 22.38
C LYS B 23 14.35 -14.70 21.98
N HIS B 24 15.10 -13.84 22.67
CA HIS B 24 16.54 -13.69 22.45
C HIS B 24 17.29 -14.74 23.26
N LEU B 25 17.84 -15.75 22.61
CA LEU B 25 18.55 -16.80 23.31
C LEU B 25 19.96 -16.34 23.69
N ARG B 26 20.53 -17.01 24.69
CA ARG B 26 21.92 -16.71 25.03
C ARG B 26 22.85 -16.96 23.85
N ASP B 27 22.48 -17.83 22.92
CA ASP B 27 23.34 -18.09 21.76
C ASP B 27 23.19 -17.05 20.66
N SER B 28 22.45 -15.95 20.92
CA SER B 28 22.27 -14.75 20.11
C SER B 28 21.15 -14.86 19.07
N GLN B 29 20.48 -16.02 18.97
CA GLN B 29 19.34 -16.16 18.07
C GLN B 29 18.13 -15.42 18.65
N PHE B 30 17.32 -14.81 17.77
CA PHE B 30 15.97 -14.37 18.10
C PHE B 30 15.02 -15.41 17.53
N VAL B 31 14.35 -16.19 18.38
CA VAL B 31 13.55 -17.29 17.86
C VAL B 31 12.08 -17.06 18.18
N GLY B 32 11.24 -17.39 17.20
CA GLY B 32 9.80 -17.39 17.37
C GLY B 32 9.27 -18.80 17.57
N THR B 33 7.98 -18.94 17.33
CA THR B 33 7.29 -20.22 17.47
C THR B 33 6.63 -20.59 16.14
N LEU B 34 6.82 -21.84 15.74
CA LEU B 34 6.20 -22.38 14.54
C LEU B 34 5.72 -23.80 14.82
N LEU B 35 4.48 -24.09 14.44
CA LEU B 35 3.88 -25.40 14.60
C LEU B 35 3.95 -26.16 13.28
N VAL B 36 4.51 -27.37 13.32
CA VAL B 36 4.74 -28.18 12.12
C VAL B 36 3.86 -29.42 12.15
N GLY B 37 3.19 -29.68 11.03
CA GLY B 37 2.48 -30.94 10.83
C GLY B 37 1.29 -31.15 11.75
N VAL B 38 0.80 -32.40 11.73
CA VAL B 38 -0.41 -32.79 12.46
C VAL B 38 -0.25 -34.20 13.02
N PRO B 39 -0.39 -34.42 14.33
CA PRO B 39 -0.61 -33.39 15.35
C PRO B 39 0.58 -32.44 15.40
N PRO B 40 0.38 -31.22 15.90
CA PRO B 40 1.40 -30.19 15.75
C PRO B 40 2.67 -30.52 16.53
N GLN B 41 3.81 -30.28 15.89
CA GLN B 41 5.10 -30.26 16.55
C GLN B 41 5.64 -28.83 16.55
N GLU B 42 6.18 -28.41 17.69
CA GLU B 42 6.59 -27.04 17.92
C GLU B 42 8.09 -26.90 17.72
N ILE B 43 8.50 -25.96 16.87
CA ILE B 43 9.91 -25.61 16.75
C ILE B 43 10.08 -24.10 16.92
N HIS B 44 11.33 -23.70 17.09
CA HIS B 44 11.69 -22.34 17.45
C HIS B 44 12.72 -21.80 16.44
N PRO B 45 12.26 -21.42 15.25
CA PRO B 45 13.17 -20.96 14.21
C PRO B 45 13.47 -19.46 14.30
N ILE B 46 14.53 -19.06 13.62
CA ILE B 46 14.74 -17.64 13.37
C ILE B 46 13.89 -17.21 12.20
N PHE B 47 13.70 -15.89 12.08
CA PHE B 47 12.97 -15.26 11.00
C PHE B 47 13.94 -14.41 10.21
N ASP B 48 14.13 -14.75 8.94
CA ASP B 48 15.34 -14.38 8.20
C ASP B 48 14.95 -13.69 6.90
N THR B 49 15.14 -12.37 6.84
CA THR B 49 14.81 -11.68 5.60
C THR B 49 15.89 -11.85 4.54
N GLY B 50 17.04 -12.42 4.89
CA GLY B 50 18.12 -12.62 3.94
C GLY B 50 18.11 -13.93 3.20
N SER B 51 17.11 -14.77 3.42
CA SER B 51 16.95 -16.00 2.66
C SER B 51 15.47 -16.28 2.55
N THR B 52 15.10 -17.24 1.71
CA THR B 52 13.69 -17.56 1.51
C THR B 52 13.31 -19.01 1.85
N ASN B 53 14.23 -19.97 1.76
CA ASN B 53 13.89 -21.34 2.11
C ASN B 53 13.41 -21.44 3.54
N LEU B 54 12.36 -22.23 3.75
CA LEU B 54 11.92 -22.61 5.08
C LEU B 54 12.64 -23.90 5.48
N TRP B 55 13.43 -23.86 6.56
CA TRP B 55 14.21 -25.01 7.03
C TRP B 55 13.70 -25.49 8.39
N VAL B 56 13.60 -26.81 8.55
CA VAL B 56 13.24 -27.43 9.82
C VAL B 56 14.24 -28.53 10.16
N VAL B 57 14.75 -28.49 11.39
CA VAL B 57 15.68 -29.49 11.86
C VAL B 57 14.88 -30.72 12.27
N THR B 58 15.33 -31.90 11.83
CA THR B 58 14.51 -33.10 11.92
C THR B 58 15.26 -34.22 12.64
N THR B 59 14.48 -35.20 13.09
CA THR B 59 15.04 -36.39 13.70
C THR B 59 15.83 -37.25 12.73
N ASP B 60 15.86 -36.91 11.44
CA ASP B 60 16.77 -37.53 10.48
C ASP B 60 18.19 -36.98 10.57
N CYS B 61 18.39 -35.85 11.25
CA CYS B 61 19.72 -35.38 11.56
C CYS B 61 20.13 -36.06 12.86
N GLU B 62 21.18 -36.87 12.81
CA GLU B 62 21.63 -37.53 14.02
C GLU B 62 22.89 -36.90 14.59
N GLU B 63 23.39 -35.83 13.96
CA GLU B 63 24.57 -35.16 14.44
C GLU B 63 24.30 -34.48 15.78
N GLU B 64 25.38 -34.30 16.54
CA GLU B 64 25.30 -33.73 17.89
C GLU B 64 24.64 -32.35 17.88
N SER B 65 25.00 -31.50 16.92
CA SER B 65 24.43 -30.17 16.86
C SER B 65 22.92 -30.20 16.66
N CYS B 66 22.39 -31.27 16.07
CA CYS B 66 20.94 -31.43 15.95
C CYS B 66 20.33 -32.15 17.15
N LYS B 67 21.03 -33.13 17.72
CA LYS B 67 20.42 -33.91 18.80
C LYS B 67 20.17 -33.06 20.04
N LYS B 68 20.97 -32.00 20.23
CA LYS B 68 20.80 -31.15 21.40
C LYS B 68 19.52 -30.32 21.36
N VAL B 69 18.79 -30.30 20.25
CA VAL B 69 17.58 -29.52 20.13
C VAL B 69 16.38 -30.47 20.03
N LYS B 70 15.18 -29.90 20.13
CA LYS B 70 13.92 -30.66 20.02
C LYS B 70 13.57 -30.78 18.55
N ARG B 71 14.00 -31.89 17.95
CA ARG B 71 13.88 -32.12 16.53
C ARG B 71 12.43 -32.43 16.12
N TYR B 72 12.08 -31.98 14.92
CA TYR B 72 10.80 -32.36 14.32
C TYR B 72 10.87 -33.78 13.76
N ASN B 73 9.88 -34.60 14.08
CA ASN B 73 9.81 -36.00 13.67
C ASN B 73 8.79 -36.13 12.54
N PRO B 74 9.21 -36.16 11.28
CA PRO B 74 8.23 -36.22 10.19
C PRO B 74 7.43 -37.50 10.17
N TYR B 75 7.96 -38.59 10.74
CA TYR B 75 7.22 -39.85 10.74
C TYR B 75 6.04 -39.83 11.68
N LYS B 76 5.96 -38.85 12.58
CA LYS B 76 4.80 -38.70 13.46
C LYS B 76 3.73 -37.74 12.95
N SER B 77 3.89 -37.18 11.74
CA SER B 77 2.95 -36.19 11.22
C SER B 77 2.06 -36.80 10.16
N LYS B 78 0.75 -36.69 10.35
CA LYS B 78 -0.21 -37.12 9.33
C LYS B 78 -0.17 -36.27 8.06
N THR B 79 0.37 -35.05 8.11
CA THR B 79 0.32 -34.20 6.94
C THR B 79 1.62 -34.18 6.16
N PHE B 80 2.71 -34.69 6.72
CA PHE B 80 3.98 -34.68 6.03
C PHE B 80 3.93 -35.52 4.75
N ARG B 81 4.58 -35.00 3.72
CA ARG B 81 4.75 -35.68 2.44
C ARG B 81 6.17 -35.43 1.99
N ARG B 82 6.88 -36.47 1.55
CA ARG B 82 8.18 -36.26 0.93
C ARG B 82 7.96 -35.68 -0.46
N SER B 83 8.93 -34.90 -0.92
CA SER B 83 8.91 -34.37 -2.28
C SER B 83 10.28 -34.54 -2.91
N PHE B 84 10.30 -34.57 -4.24
CA PHE B 84 11.52 -34.84 -5.01
C PHE B 84 12.33 -35.94 -4.34
N ILE B 85 11.63 -37.02 -3.98
CA ILE B 85 12.23 -38.16 -3.28
C ILE B 85 13.56 -38.51 -3.91
N GLY B 86 14.63 -38.44 -3.13
CA GLY B 86 15.97 -38.72 -3.60
C GLY B 86 16.80 -37.51 -3.98
N LYS B 87 16.30 -36.29 -3.74
CA LYS B 87 17.02 -35.08 -4.14
C LYS B 87 17.41 -34.34 -2.89
N ASN B 88 18.69 -34.01 -2.79
CA ASN B 88 19.24 -33.28 -1.65
C ASN B 88 19.39 -31.79 -1.92
N LEU B 89 19.33 -31.02 -0.84
CA LEU B 89 19.52 -29.59 -0.86
C LEU B 89 20.69 -29.30 0.06
N HIS B 90 21.63 -28.48 -0.42
CA HIS B 90 22.86 -28.19 0.30
C HIS B 90 23.16 -26.71 0.22
N ILE B 91 22.97 -25.97 1.32
CA ILE B 91 23.21 -24.53 1.34
C ILE B 91 24.50 -24.29 2.10
N VAL B 92 25.43 -23.55 1.49
CA VAL B 92 26.72 -23.21 2.06
C VAL B 92 26.77 -21.71 2.28
N PHE B 93 27.19 -21.28 3.47
CA PHE B 93 27.34 -19.86 3.77
C PHE B 93 28.59 -19.66 4.62
N GLY B 94 28.90 -18.40 4.90
CA GLY B 94 30.18 -18.05 5.50
C GLY B 94 30.44 -18.71 6.84
N SER B 95 29.40 -18.98 7.61
CA SER B 95 29.54 -19.48 8.98
C SER B 95 29.06 -20.91 9.15
N GLY B 96 28.69 -21.60 8.08
CA GLY B 96 28.23 -22.96 8.24
C GLY B 96 27.65 -23.52 6.95
N SER B 97 27.02 -24.68 7.10
CA SER B 97 26.44 -25.40 5.99
C SER B 97 25.22 -26.15 6.49
N ILE B 98 24.26 -26.33 5.60
CA ILE B 98 22.99 -26.95 5.94
C ILE B 98 22.55 -27.80 4.75
N SER B 99 22.19 -29.07 4.99
CA SER B 99 21.70 -29.88 3.87
C SER B 99 20.63 -30.85 4.35
N GLY B 100 19.74 -31.19 3.43
CA GLY B 100 18.69 -32.15 3.73
C GLY B 100 17.85 -32.44 2.52
N SER B 101 16.64 -32.94 2.76
CA SER B 101 15.69 -33.27 1.72
C SER B 101 14.52 -32.29 1.75
N ILE B 102 13.70 -32.36 0.69
CA ILE B 102 12.56 -31.48 0.52
C ILE B 102 11.29 -32.22 0.92
N GLY B 103 10.31 -31.48 1.43
CA GLY B 103 9.05 -32.07 1.82
C GLY B 103 7.92 -31.06 1.72
N LYS B 104 6.72 -31.53 2.03
CA LYS B 104 5.53 -30.69 2.10
C LYS B 104 4.93 -30.81 3.50
N GLU B 105 4.35 -29.73 3.99
CA GLU B 105 3.85 -29.78 5.36
C GLU B 105 2.76 -28.74 5.57
N THR B 106 2.02 -28.93 6.65
CA THR B 106 1.09 -27.94 7.17
C THR B 106 1.77 -27.18 8.31
N PHE B 107 1.76 -25.85 8.23
CA PHE B 107 2.39 -25.01 9.25
C PHE B 107 1.34 -24.12 9.91
N VAL B 108 1.57 -23.84 11.19
CA VAL B 108 0.81 -22.82 11.91
C VAL B 108 1.76 -21.77 12.44
N LEU B 109 1.55 -20.52 12.04
CA LEU B 109 2.30 -19.39 12.55
C LEU B 109 1.30 -18.48 13.23
N GLY B 110 1.39 -18.38 14.55
CA GLY B 110 0.39 -17.66 15.31
C GLY B 110 -0.99 -18.27 15.17
N ASP B 111 -1.90 -17.55 14.49
CA ASP B 111 -3.25 -18.04 14.25
C ASP B 111 -3.51 -18.43 12.80
N HIS B 112 -2.51 -18.35 11.94
CA HIS B 112 -2.70 -18.58 10.52
C HIS B 112 -2.10 -19.92 10.09
N THR B 113 -2.87 -20.66 9.30
CA THR B 113 -2.48 -21.98 8.82
C THR B 113 -2.03 -21.86 7.37
N VAL B 114 -0.97 -22.59 7.03
CA VAL B 114 -0.48 -22.68 5.66
C VAL B 114 -0.37 -24.15 5.34
N ARG B 115 -1.10 -24.60 4.33
CA ARG B 115 -1.10 -26.00 3.95
C ARG B 115 -0.27 -26.17 2.68
N ASN B 116 0.28 -27.37 2.49
CA ASN B 116 0.95 -27.73 1.24
C ASN B 116 2.18 -26.85 1.00
N GLN B 117 2.90 -26.51 2.07
CA GLN B 117 4.08 -25.66 1.99
C GLN B 117 5.36 -26.48 1.87
N THR B 118 6.11 -26.22 0.80
CA THR B 118 7.44 -26.81 0.62
C THR B 118 8.42 -26.34 1.70
N PHE B 119 9.20 -27.28 2.24
CA PHE B 119 10.24 -26.94 3.20
C PHE B 119 11.41 -27.92 3.07
N GLY B 120 12.55 -27.50 3.62
CA GLY B 120 13.74 -28.33 3.70
C GLY B 120 13.82 -29.01 5.05
N LEU B 121 14.08 -30.33 5.02
CA LEU B 121 14.31 -31.10 6.23
C LEU B 121 15.82 -31.15 6.47
N VAL B 122 16.29 -30.49 7.52
CA VAL B 122 17.72 -30.51 7.83
C VAL B 122 18.14 -31.93 8.17
N GLU B 123 19.19 -32.41 7.52
CA GLU B 123 19.75 -33.71 7.84
C GLU B 123 21.21 -33.67 8.27
N SER B 124 21.93 -32.60 7.98
CA SER B 124 23.33 -32.46 8.31
C SER B 124 23.66 -30.98 8.48
N GLU B 125 24.30 -30.64 9.59
CA GLU B 125 24.69 -29.27 9.87
C GLU B 125 26.21 -29.06 9.80
N SER B 126 26.93 -29.93 9.07
CA SER B 126 28.38 -30.02 9.16
C SER B 126 29.06 -29.72 7.84
N ASN B 127 30.18 -29.02 7.90
CA ASN B 127 30.97 -28.68 6.71
C ASN B 127 31.86 -29.85 6.29
N ASN B 134 32.03 -24.16 12.76
CA ASN B 134 30.63 -24.36 12.36
C ASN B 134 29.66 -23.65 13.32
N ILE B 135 28.83 -22.75 12.78
CA ILE B 135 27.96 -21.94 13.66
C ILE B 135 27.08 -22.83 14.51
N PHE B 136 26.59 -23.95 13.96
CA PHE B 136 25.67 -24.84 14.68
C PHE B 136 26.31 -25.53 15.88
N ASP B 137 27.63 -25.49 16.02
CA ASP B 137 28.21 -26.00 17.26
C ASP B 137 28.04 -25.02 18.41
N TYR B 138 27.73 -23.76 18.10
CA TYR B 138 27.59 -22.72 19.12
C TYR B 138 26.17 -22.27 19.38
N ILE B 139 25.18 -22.71 18.60
CA ILE B 139 23.80 -22.27 18.78
C ILE B 139 22.88 -23.48 18.88
N ASP B 140 21.68 -23.23 19.39
CA ASP B 140 20.62 -24.25 19.42
C ASP B 140 19.65 -24.01 18.27
N PHE B 141 20.12 -24.38 17.08
CA PHE B 141 19.39 -24.12 15.86
C PHE B 141 18.24 -25.11 15.71
N GLU B 142 17.05 -24.58 15.43
CA GLU B 142 15.90 -25.44 15.16
C GLU B 142 15.23 -25.18 13.82
N GLY B 143 15.51 -24.07 13.16
CA GLY B 143 14.91 -23.81 11.88
C GLY B 143 14.98 -22.36 11.48
N ILE B 144 14.58 -22.11 10.23
CA ILE B 144 14.59 -20.80 9.60
C ILE B 144 13.25 -20.60 8.90
N VAL B 145 12.58 -19.50 9.20
CA VAL B 145 11.50 -19.00 8.36
C VAL B 145 12.11 -17.96 7.43
N GLY B 146 12.31 -18.34 6.17
CA GLY B 146 12.82 -17.38 5.21
C GLY B 146 11.73 -16.39 4.81
N LEU B 147 12.10 -15.11 4.72
CA LEU B 147 11.15 -14.07 4.34
C LEU B 147 11.64 -13.26 3.15
N GLY B 148 12.66 -13.73 2.45
CA GLY B 148 13.09 -13.09 1.24
C GLY B 148 12.11 -13.39 0.14
N PHE B 149 12.45 -12.92 -1.05
CA PHE B 149 11.60 -13.06 -2.23
C PHE B 149 11.73 -14.45 -2.86
N PRO B 150 10.70 -14.89 -3.59
CA PRO B 150 10.66 -16.29 -4.06
C PRO B 150 11.77 -16.67 -5.01
N GLU B 151 12.38 -15.70 -5.70
CA GLU B 151 13.53 -15.96 -6.55
C GLU B 151 14.68 -16.63 -5.80
N MET B 152 14.71 -16.52 -4.48
CA MET B 152 15.75 -17.08 -3.64
C MET B 152 15.44 -18.50 -3.18
N LEU B 153 14.28 -19.04 -3.55
CA LEU B 153 13.93 -20.41 -3.19
C LEU B 153 14.88 -21.40 -3.87
N SER B 154 15.25 -22.46 -3.14
CA SER B 154 15.99 -23.58 -3.70
C SER B 154 15.11 -24.71 -4.20
N ALA B 155 13.86 -24.77 -3.76
CA ALA B 155 12.90 -25.76 -4.20
C ALA B 155 11.50 -25.21 -3.91
N GLY B 156 10.52 -25.74 -4.62
CA GLY B 156 9.18 -25.20 -4.55
C GLY B 156 9.06 -23.93 -5.38
N LYS B 157 7.82 -23.60 -5.73
CA LYS B 157 7.55 -22.40 -6.51
C LYS B 157 7.03 -21.25 -5.66
N VAL B 158 6.63 -21.51 -4.42
CA VAL B 158 5.88 -20.54 -3.62
C VAL B 158 6.55 -20.39 -2.27
N SER B 159 7.04 -19.19 -1.99
CA SER B 159 7.65 -18.91 -0.69
C SER B 159 6.60 -19.04 0.40
N PHE B 160 7.09 -19.19 1.63
CA PHE B 160 6.19 -19.38 2.76
C PHE B 160 5.30 -18.13 2.98
N PHE B 161 5.90 -16.95 2.96
CA PHE B 161 5.10 -15.75 3.24
C PHE B 161 4.05 -15.51 2.14
N ASP B 162 4.46 -15.62 0.87
CA ASP B 162 3.48 -15.51 -0.22
C ASP B 162 2.37 -16.53 -0.04
N ASN B 163 2.72 -17.76 0.34
CA ASN B 163 1.74 -18.82 0.53
C ASN B 163 0.83 -18.52 1.71
N LEU B 164 1.42 -18.01 2.81
CA LEU B 164 0.60 -17.57 3.93
C LEU B 164 -0.42 -16.53 3.47
N LEU B 165 0.03 -15.59 2.63
CA LEU B 165 -0.87 -14.55 2.18
C LEU B 165 -1.98 -15.13 1.30
N SER B 166 -1.61 -15.98 0.33
CA SER B 166 -2.63 -16.46 -0.60
C SER B 166 -3.66 -17.34 0.08
N GLN B 167 -3.34 -17.91 1.25
CA GLN B 167 -4.30 -18.73 1.96
C GLN B 167 -4.94 -18.00 3.12
N ASN B 168 -4.59 -16.73 3.31
CA ASN B 168 -5.18 -15.89 4.35
C ASN B 168 -5.33 -14.51 3.70
N LYS B 169 -6.39 -14.35 2.91
CA LYS B 169 -6.53 -13.22 2.00
C LYS B 169 -6.83 -11.90 2.69
N ASN B 170 -7.31 -11.94 3.93
CA ASN B 170 -7.60 -10.71 4.65
C ASN B 170 -6.36 -10.09 5.28
N LEU B 171 -5.23 -10.78 5.29
CA LEU B 171 -3.99 -10.18 5.75
C LEU B 171 -3.46 -9.22 4.70
N SER B 172 -2.88 -8.11 5.15
CA SER B 172 -2.18 -7.29 4.19
C SER B 172 -0.76 -7.83 3.99
N PRO B 173 -0.19 -7.67 2.79
CA PRO B 173 1.11 -8.29 2.51
C PRO B 173 2.25 -7.57 3.21
N GLN B 174 2.28 -7.61 4.54
CA GLN B 174 3.29 -6.84 5.24
C GLN B 174 3.70 -7.59 6.50
N PHE B 175 4.92 -7.29 6.95
CA PHE B 175 5.41 -7.75 8.23
C PHE B 175 6.47 -6.75 8.69
N SER B 176 6.82 -6.80 9.97
CA SER B 176 7.80 -5.89 10.53
C SER B 176 8.48 -6.55 11.72
N PHE B 177 9.61 -5.95 12.13
CA PHE B 177 10.45 -6.49 13.19
C PHE B 177 10.67 -5.45 14.27
N TYR B 178 10.41 -5.82 15.51
CA TYR B 178 10.84 -5.06 16.68
C TYR B 178 11.87 -5.91 17.43
N ILE B 179 13.11 -5.42 17.51
CA ILE B 179 14.22 -6.16 18.11
C ILE B 179 14.62 -5.44 19.40
N SER B 180 14.40 -6.10 20.54
CA SER B 180 14.66 -5.49 21.84
C SER B 180 15.20 -6.53 22.81
N PRO B 181 16.50 -6.86 22.69
CA PRO B 181 17.09 -7.85 23.60
C PRO B 181 17.22 -7.36 25.02
N GLU B 182 17.35 -6.04 25.24
CA GLU B 182 17.55 -5.51 26.58
C GLU B 182 16.46 -5.98 27.53
N ASP B 183 15.19 -5.91 27.12
CA ASP B 183 14.11 -6.44 27.94
C ASP B 183 13.54 -7.75 27.41
N ASN B 184 13.99 -8.25 26.26
CA ASN B 184 13.49 -9.48 25.65
C ASN B 184 12.04 -9.39 25.17
N THR B 185 11.60 -8.22 24.69
CA THR B 185 10.26 -8.01 24.16
C THR B 185 10.22 -8.04 22.62
N SER B 186 11.25 -8.58 21.98
CA SER B 186 11.32 -8.61 20.52
C SER B 186 10.09 -9.31 19.97
N THR B 187 9.63 -8.83 18.81
CA THR B 187 8.35 -9.24 18.26
C THR B 187 8.44 -9.23 16.74
N PHE B 188 7.93 -10.29 16.13
CA PHE B 188 7.71 -10.35 14.70
C PHE B 188 6.23 -10.07 14.47
N LEU B 189 5.91 -9.18 13.55
CA LEU B 189 4.52 -8.79 13.31
C LEU B 189 4.08 -9.22 11.92
N VAL B 190 2.92 -9.87 11.85
CA VAL B 190 2.36 -10.37 10.59
C VAL B 190 1.16 -9.49 10.22
N GLY B 191 1.22 -8.89 9.03
CA GLY B 191 0.11 -8.14 8.47
C GLY B 191 0.20 -6.63 8.52
N GLY B 192 1.23 -6.07 9.14
CA GLY B 192 1.35 -4.63 9.27
C GLY B 192 2.40 -4.22 10.29
N VAL B 193 2.12 -3.15 11.02
CA VAL B 193 3.05 -2.59 12.00
C VAL B 193 2.22 -2.23 13.24
N SER B 194 2.92 -1.82 14.29
CA SER B 194 2.27 -1.37 15.51
C SER B 194 3.01 -0.17 16.08
N LYS B 195 2.25 0.88 16.43
CA LYS B 195 2.81 2.08 17.05
C LYS B 195 3.40 1.81 18.43
N SER B 196 3.11 0.66 19.05
CA SER B 196 3.83 0.30 20.26
C SER B 196 5.33 0.21 20.04
N PHE B 197 5.78 0.00 18.82
CA PHE B 197 7.17 -0.38 18.57
C PHE B 197 8.03 0.67 17.89
N TYR B 198 7.47 1.82 17.49
CA TYR B 198 8.28 2.81 16.78
C TYR B 198 7.84 4.22 17.16
N GLU B 199 8.70 5.19 16.86
CA GLU B 199 8.46 6.60 17.12
C GLU B 199 8.75 7.44 15.88
N GLY B 200 8.12 8.61 15.82
CA GLY B 200 8.29 9.44 14.64
C GLY B 200 7.60 8.79 13.46
N SER B 201 8.06 9.10 12.26
CA SER B 201 7.45 8.54 11.06
C SER B 201 8.28 7.39 10.48
N ILE B 202 7.60 6.59 9.67
CA ILE B 202 8.21 5.58 8.82
C ILE B 202 8.54 6.20 7.46
N TYR B 203 9.76 5.97 6.99
CA TYR B 203 10.21 6.42 5.68
C TYR B 203 10.36 5.22 4.75
N MET B 204 9.81 5.32 3.55
CA MET B 204 9.77 4.17 2.66
C MET B 204 10.95 4.17 1.68
N LEU B 205 11.53 2.99 1.46
CA LEU B 205 12.66 2.82 0.54
C LEU B 205 12.29 1.76 -0.48
N PRO B 206 12.27 2.08 -1.77
CA PRO B 206 11.90 1.08 -2.79
C PRO B 206 12.92 -0.04 -2.87
N VAL B 207 12.42 -1.27 -2.98
CA VAL B 207 13.27 -2.42 -3.27
C VAL B 207 13.71 -2.35 -4.72
N VAL B 208 15.02 -2.36 -4.96
CA VAL B 208 15.51 -2.24 -6.34
C VAL B 208 15.41 -3.57 -7.09
N LYS B 209 15.50 -4.70 -6.39
CA LYS B 209 15.41 -6.01 -7.03
C LYS B 209 14.76 -6.99 -6.07
N GLU B 210 13.71 -7.67 -6.51
CA GLU B 210 13.01 -8.61 -5.63
C GLU B 210 13.80 -9.92 -5.55
N TYR B 211 14.84 -9.92 -4.72
CA TYR B 211 15.65 -11.10 -4.42
C TYR B 211 15.97 -11.09 -2.93
N TYR B 212 16.92 -10.24 -2.51
CA TYR B 212 16.99 -9.82 -1.12
C TYR B 212 16.05 -8.63 -0.93
N TRP B 213 15.87 -8.22 0.33
CA TRP B 213 15.22 -6.93 0.57
C TRP B 213 16.32 -5.89 0.40
N GLU B 214 16.44 -5.40 -0.82
CA GLU B 214 17.60 -4.65 -1.29
C GLU B 214 17.17 -3.28 -1.79
N VAL B 215 17.80 -2.23 -1.28
CA VAL B 215 17.46 -0.87 -1.66
C VAL B 215 18.73 -0.13 -2.09
N GLU B 216 18.53 0.96 -2.84
CA GLU B 216 19.63 1.84 -3.19
C GLU B 216 20.28 2.44 -1.95
N LEU B 217 21.58 2.58 -2.01
CA LEU B 217 22.37 3.22 -0.96
C LEU B 217 23.24 4.27 -1.63
N ASP B 218 23.15 5.52 -1.17
CA ASP B 218 23.87 6.60 -1.82
C ASP B 218 25.17 6.99 -1.14
N GLY B 219 25.39 6.60 0.11
CA GLY B 219 26.64 6.94 0.73
C GLY B 219 26.68 6.47 2.17
N ILE B 220 27.90 6.40 2.69
CA ILE B 220 28.15 6.03 4.08
C ILE B 220 29.27 6.92 4.60
N TYR B 221 29.08 7.49 5.78
CA TYR B 221 30.09 8.33 6.41
C TYR B 221 30.35 7.82 7.82
N VAL B 222 31.62 7.84 8.20
CA VAL B 222 32.03 7.65 9.59
C VAL B 222 32.62 8.98 10.02
N GLY B 223 31.90 9.70 10.86
CA GLY B 223 32.31 11.07 11.11
C GLY B 223 32.37 11.82 9.80
N GLU B 224 33.50 12.47 9.56
CA GLU B 224 33.65 13.28 8.36
C GLU B 224 34.19 12.50 7.17
N LYS B 225 34.63 11.26 7.37
CA LYS B 225 35.22 10.46 6.29
C LYS B 225 34.13 9.74 5.53
N LYS B 226 33.96 10.09 4.24
CA LYS B 226 33.00 9.42 3.39
C LYS B 226 33.59 8.07 2.99
N ILE B 227 32.99 7.00 3.52
CA ILE B 227 33.43 5.63 3.25
C ILE B 227 32.79 5.01 2.01
N CYS B 228 31.71 5.58 1.51
CA CYS B 228 30.94 5.09 0.38
C CYS B 228 30.20 6.32 -0.18
N CYS B 229 30.11 6.46 -1.52
CA CYS B 229 30.20 5.43 -2.53
C CYS B 229 30.76 5.98 -3.85
N GLU B 230 31.67 5.26 -4.51
CA GLU B 230 32.06 5.66 -5.85
C GLU B 230 31.26 4.92 -6.91
N GLU B 231 30.88 3.68 -6.64
CA GLU B 231 30.07 2.88 -7.55
C GLU B 231 28.65 2.73 -6.98
N LYS B 232 27.69 2.52 -7.87
CA LYS B 232 26.32 2.33 -7.41
C LYS B 232 26.31 1.23 -6.37
N SER B 233 25.80 1.55 -5.18
CA SER B 233 25.82 0.63 -4.04
C SER B 233 24.39 0.36 -3.57
N TYR B 234 24.26 -0.56 -2.63
CA TYR B 234 22.95 -0.99 -2.19
C TYR B 234 23.03 -1.39 -0.72
N ALA B 235 21.88 -1.37 -0.06
CA ALA B 235 21.77 -1.87 1.30
C ALA B 235 20.81 -3.04 1.31
N ILE B 236 21.10 -4.03 2.15
CA ILE B 236 20.29 -5.24 2.27
C ILE B 236 19.86 -5.37 3.73
N PHE B 237 18.56 -5.46 3.96
CA PHE B 237 18.01 -5.59 5.30
C PHE B 237 17.91 -7.07 5.61
N ASP B 238 18.80 -7.56 6.48
CA ASP B 238 18.99 -8.99 6.69
C ASP B 238 18.92 -9.32 8.16
N THR B 239 17.75 -9.76 8.63
CA THR B 239 17.65 -10.14 10.03
C THR B 239 18.44 -11.39 10.38
N GLY B 240 18.93 -12.13 9.38
CA GLY B 240 19.68 -13.37 9.58
C GLY B 240 21.12 -13.19 9.97
N THR B 241 21.64 -11.97 9.95
CA THR B 241 22.95 -11.67 10.50
C THR B 241 22.78 -10.70 11.65
N SER B 242 23.52 -10.94 12.73
CA SER B 242 23.52 -10.03 13.86
C SER B 242 24.27 -8.74 13.55
N TYR B 243 25.18 -8.78 12.58
CA TYR B 243 26.09 -7.68 12.32
C TYR B 243 25.69 -6.89 11.09
N ASN B 244 26.04 -5.61 11.10
CA ASN B 244 26.16 -4.89 9.83
C ASN B 244 27.42 -5.38 9.12
N THR B 245 27.45 -5.18 7.82
CA THR B 245 28.55 -5.69 7.03
C THR B 245 29.13 -4.62 6.11
N MET B 246 30.39 -4.81 5.77
CA MET B 246 31.10 -4.03 4.79
C MET B 246 31.72 -4.97 3.79
N PRO B 247 31.93 -4.53 2.56
CA PRO B 247 32.67 -5.36 1.60
C PRO B 247 34.13 -5.49 1.97
N SER B 248 34.75 -6.53 1.39
CA SER B 248 36.18 -6.76 1.61
C SER B 248 36.98 -5.52 1.26
N ALA B 249 36.75 -4.98 0.06
CA ALA B 249 37.43 -3.78 -0.41
C ALA B 249 37.37 -2.63 0.60
N GLN B 250 36.26 -2.48 1.31
CA GLN B 250 36.05 -1.37 2.25
C GLN B 250 36.35 -1.70 3.70
N MET B 251 36.50 -2.97 4.05
CA MET B 251 36.51 -3.33 5.47
C MET B 251 37.68 -2.71 6.23
N LYS B 252 38.86 -2.67 5.62
CA LYS B 252 40.03 -2.14 6.34
C LYS B 252 39.85 -0.66 6.64
N GLY B 253 39.42 0.13 5.66
CA GLY B 253 39.21 1.54 5.88
C GLY B 253 38.18 1.81 6.96
N PHE B 254 37.16 0.95 7.08
CA PHE B 254 36.18 1.12 8.14
C PHE B 254 36.83 0.95 9.50
N PHE B 255 37.54 -0.17 9.71
CA PHE B 255 38.16 -0.42 11.01
C PHE B 255 39.20 0.65 11.34
N ASP B 256 39.82 1.28 10.34
CA ASP B 256 40.78 2.34 10.62
C ASP B 256 40.12 3.50 11.36
N VAL B 257 38.86 3.77 11.07
CA VAL B 257 38.14 4.86 11.74
C VAL B 257 37.21 4.38 12.83
N VAL B 258 36.98 3.07 12.96
CA VAL B 258 36.18 2.55 14.06
C VAL B 258 36.98 1.48 14.81
N PRO B 259 37.90 1.88 15.70
CA PRO B 259 38.77 0.92 16.39
C PRO B 259 38.17 0.31 17.66
N SER B 260 38.72 -0.84 18.04
CA SER B 260 38.35 -1.53 19.28
C SER B 260 38.87 -0.74 20.49
N ALA B 261 38.40 -1.11 21.67
CA ALA B 261 38.67 -0.33 22.87
C ALA B 261 38.52 -1.20 24.11
N PRO B 262 39.27 -0.91 25.17
CA PRO B 262 39.04 -1.58 26.46
C PRO B 262 37.79 -1.02 27.11
N CYS B 263 36.93 -1.88 27.63
CA CYS B 263 35.65 -1.42 28.13
C CYS B 263 35.17 -2.30 29.27
N THR B 264 34.40 -1.69 30.16
CA THR B 264 33.62 -2.40 31.15
C THR B 264 32.23 -1.79 31.18
N GLU B 265 31.29 -2.53 31.75
CA GLU B 265 29.95 -1.99 31.93
C GLU B 265 30.00 -0.68 32.70
N GLU B 266 31.12 -0.38 33.35
CA GLU B 266 31.28 0.78 34.21
C GLU B 266 31.96 1.96 33.53
N ASN B 267 32.68 1.75 32.43
CA ASN B 267 33.48 2.81 31.83
C ASN B 267 33.16 3.08 30.36
N TYR B 268 32.30 2.30 29.71
CA TYR B 268 32.16 2.41 28.27
C TYR B 268 31.50 3.73 27.86
N GLN B 269 30.53 4.20 28.65
CA GLN B 269 29.91 5.49 28.35
C GLN B 269 30.96 6.56 28.14
N GLU B 270 32.01 6.54 28.97
CA GLU B 270 33.10 7.50 28.81
C GLU B 270 34.08 7.07 27.72
N VAL B 271 34.37 5.77 27.61
CA VAL B 271 35.32 5.28 26.61
C VAL B 271 34.90 5.73 25.21
N LEU B 272 33.61 5.65 24.91
CA LEU B 272 33.09 5.88 23.56
C LEU B 272 32.62 7.31 23.36
N LYS B 273 32.82 8.17 24.37
CA LYS B 273 32.20 9.50 24.34
C LYS B 273 32.62 10.30 23.11
N ASN B 274 33.82 10.06 22.60
CA ASN B 274 34.33 10.84 21.47
C ASN B 274 34.36 10.07 20.16
N TYR B 275 33.66 8.93 20.09
CA TYR B 275 33.66 8.12 18.87
C TYR B 275 32.82 8.76 17.76
N PRO B 276 33.04 8.35 16.51
CA PRO B 276 32.34 8.94 15.37
C PRO B 276 30.94 8.39 15.15
N VAL B 277 30.09 9.24 14.56
CA VAL B 277 28.73 8.84 14.16
C VAL B 277 28.81 8.21 12.77
N ILE B 278 28.17 7.04 12.60
CA ILE B 278 28.02 6.43 11.29
C ILE B 278 26.71 6.90 10.67
N LYS B 279 26.74 7.29 9.40
CA LYS B 279 25.56 7.75 8.68
C LYS B 279 25.42 7.01 7.36
N TYR B 280 24.25 6.43 7.13
CA TYR B 280 23.89 5.85 5.84
C TYR B 280 22.95 6.82 5.13
N LEU B 281 23.23 7.09 3.85
CA LEU B 281 22.45 8.03 3.05
C LEU B 281 21.56 7.27 2.07
N PHE B 282 20.25 7.45 2.22
CA PHE B 282 19.24 6.94 1.29
C PHE B 282 18.56 8.14 0.64
N GLY B 283 19.12 8.57 -0.49
CA GLY B 283 18.62 9.76 -1.14
C GLY B 283 18.93 10.96 -0.28
N ASP B 284 17.89 11.67 0.16
CA ASP B 284 18.04 12.80 1.07
C ASP B 284 17.96 12.37 2.54
N LEU B 285 17.74 11.09 2.80
CA LEU B 285 17.57 10.58 4.15
C LEU B 285 18.89 10.19 4.79
N VAL B 286 19.08 10.59 6.04
CA VAL B 286 20.29 10.25 6.77
C VAL B 286 19.90 9.34 7.93
N ILE B 287 20.40 8.10 7.92
CA ILE B 287 20.21 7.15 9.01
C ILE B 287 21.54 7.07 9.74
N GLU B 288 21.53 7.42 11.01
CA GLU B 288 22.78 7.47 11.76
C GLU B 288 22.76 6.44 12.89
N LEU B 289 23.95 5.91 13.16
CA LEU B 289 24.17 5.00 14.28
C LEU B 289 25.15 5.63 15.24
N LEU B 290 24.74 5.77 16.52
CA LEU B 290 25.64 6.28 17.55
C LEU B 290 26.57 5.18 18.07
N PRO B 291 27.76 5.55 18.55
CA PRO B 291 28.72 4.53 19.00
C PRO B 291 28.12 3.56 20.00
N GLU B 292 27.32 4.05 20.97
CA GLU B 292 26.68 3.14 21.91
C GLU B 292 25.63 2.27 21.25
N GLU B 293 25.37 2.47 19.96
CA GLU B 293 24.45 1.64 19.20
C GLU B 293 25.18 0.67 18.28
N TYR B 294 26.33 1.04 17.73
CA TYR B 294 27.04 0.13 16.84
C TYR B 294 28.21 -0.57 17.50
N MET B 295 28.51 -0.23 18.75
CA MET B 295 29.54 -0.91 19.52
C MET B 295 28.92 -1.89 20.51
N ILE B 296 29.58 -3.03 20.70
CA ILE B 296 29.15 -4.06 21.65
C ILE B 296 30.31 -4.42 22.57
N LEU B 297 29.97 -4.86 23.76
CA LEU B 297 30.95 -5.29 24.75
C LEU B 297 31.29 -6.76 24.51
N ASN B 298 32.57 -7.06 24.39
CA ASN B 298 32.98 -8.45 24.14
C ASN B 298 34.37 -8.69 24.71
N GLU B 299 34.44 -9.57 25.71
CA GLU B 299 35.71 -9.97 26.31
C GLU B 299 36.52 -8.75 26.74
N GLU B 300 35.94 -8.06 27.72
CA GLU B 300 36.55 -6.88 28.33
C GLU B 300 36.83 -5.78 27.29
N SER B 301 36.07 -5.75 26.21
CA SER B 301 36.41 -4.84 25.11
C SER B 301 35.15 -4.31 24.42
N CYS B 302 35.25 -3.06 23.93
CA CYS B 302 34.26 -2.46 23.05
C CYS B 302 34.65 -2.69 21.59
N ILE B 303 33.77 -3.34 20.83
CA ILE B 303 34.09 -3.63 19.43
C ILE B 303 32.90 -3.25 18.55
N PRO B 304 33.15 -2.81 17.31
CA PRO B 304 32.04 -2.49 16.41
C PRO B 304 31.34 -3.75 15.91
N ALA B 305 30.01 -3.78 16.02
CA ALA B 305 29.23 -4.91 15.54
C ALA B 305 29.17 -4.98 14.02
N TYR B 306 30.34 -5.14 13.39
CA TYR B 306 30.49 -5.17 11.94
C TYR B 306 31.31 -6.40 11.52
N MET B 307 31.03 -6.90 10.32
CA MET B 307 31.77 -8.03 9.79
C MET B 307 31.86 -7.89 8.27
N GLN B 308 32.83 -8.59 7.71
CA GLN B 308 33.11 -8.50 6.29
C GLN B 308 32.26 -9.48 5.49
N ILE B 309 31.65 -9.00 4.42
CA ILE B 309 30.79 -9.80 3.55
C ILE B 309 30.80 -9.18 2.15
N ASP B 310 31.03 -10.03 1.15
CA ASP B 310 30.94 -9.65 -0.26
C ASP B 310 29.76 -10.39 -0.86
N VAL B 311 28.74 -9.64 -1.30
CA VAL B 311 27.62 -10.25 -1.99
C VAL B 311 27.92 -10.13 -3.49
N PRO B 312 28.37 -11.21 -4.13
CA PRO B 312 28.91 -11.10 -5.49
C PRO B 312 27.91 -10.72 -6.57
N SER B 313 26.68 -11.23 -6.52
CA SER B 313 25.69 -10.83 -7.52
C SER B 313 25.49 -9.32 -7.54
N GLU B 314 25.70 -8.66 -6.40
CA GLU B 314 25.57 -7.22 -6.27
C GLU B 314 26.88 -6.51 -6.55
N LYS B 315 27.83 -7.20 -7.17
CA LYS B 315 29.10 -6.63 -7.60
C LYS B 315 29.95 -6.23 -6.40
N ASN B 316 29.71 -6.91 -5.27
CA ASN B 316 30.40 -6.61 -4.01
C ASN B 316 30.25 -5.15 -3.63
N HIS B 317 29.07 -4.58 -3.92
CA HIS B 317 28.72 -3.23 -3.49
C HIS B 317 27.48 -3.23 -2.59
N ALA B 318 27.22 -4.36 -1.93
CA ALA B 318 26.05 -4.50 -1.07
C ALA B 318 26.49 -4.43 0.37
N TYR B 319 25.79 -3.62 1.16
CA TYR B 319 26.08 -3.44 2.57
C TYR B 319 24.88 -3.98 3.33
N LEU B 320 25.12 -4.86 4.29
CA LEU B 320 24.05 -5.51 5.02
C LEU B 320 23.78 -4.80 6.32
N LEU B 321 22.51 -4.81 6.73
CA LEU B 321 22.08 -4.22 7.99
C LEU B 321 21.47 -5.33 8.82
N GLY B 322 22.05 -5.60 10.00
CA GLY B 322 21.70 -6.76 10.79
C GLY B 322 20.84 -6.44 12.00
N SER B 323 20.57 -7.48 12.77
CA SER B 323 19.57 -7.39 13.83
C SER B 323 20.05 -6.53 15.00
N ILE B 324 21.32 -6.67 15.37
CA ILE B 324 21.85 -6.03 16.58
C ILE B 324 22.48 -4.66 16.29
N ALA B 325 23.06 -4.49 15.11
CA ALA B 325 23.66 -3.21 14.78
C ALA B 325 22.72 -2.28 14.01
N PHE B 326 21.52 -2.74 13.65
CA PHE B 326 20.58 -1.82 12.99
C PHE B 326 19.15 -1.99 13.48
N MET B 327 18.57 -3.19 13.37
CA MET B 327 17.16 -3.38 13.69
C MET B 327 16.85 -3.17 15.15
N ARG B 328 17.85 -3.33 16.02
CA ARG B 328 17.67 -2.98 17.42
C ARG B 328 17.33 -1.49 17.58
N HIS B 329 17.88 -0.66 16.71
CA HIS B 329 17.70 0.78 16.82
C HIS B 329 16.63 1.31 15.88
N TYR B 330 16.29 0.57 14.83
CA TYR B 330 15.35 1.01 13.82
C TYR B 330 14.34 -0.10 13.59
N TYR B 331 13.09 0.20 13.92
CA TYR B 331 11.94 -0.60 13.50
C TYR B 331 11.88 -0.64 11.98
N THR B 332 11.62 -1.82 11.43
CA THR B 332 11.67 -2.06 9.99
C THR B 332 10.38 -2.75 9.58
N VAL B 333 9.80 -2.28 8.48
CA VAL B 333 8.58 -2.86 7.94
C VAL B 333 8.89 -3.27 6.50
N PHE B 334 8.31 -4.38 6.09
CA PHE B 334 8.57 -4.97 4.78
C PHE B 334 7.25 -5.08 4.06
N VAL B 335 7.13 -4.40 2.92
CA VAL B 335 5.89 -4.33 2.18
C VAL B 335 6.12 -5.10 0.89
N ARG B 336 5.43 -6.24 0.74
CA ARG B 336 5.63 -7.11 -0.41
C ARG B 336 4.59 -6.75 -1.48
N GLY B 337 5.04 -6.17 -2.59
CA GLY B 337 4.13 -5.80 -3.64
C GLY B 337 3.69 -7.00 -4.47
N ALA B 338 2.48 -6.88 -5.03
CA ALA B 338 1.93 -7.82 -6.00
C ALA B 338 2.39 -7.36 -7.37
N GLY B 339 2.07 -8.14 -8.40
CA GLY B 339 2.40 -7.76 -9.77
C GLY B 339 2.19 -6.29 -10.05
N GLY B 340 3.24 -5.63 -10.56
CA GLY B 340 3.18 -4.22 -10.85
C GLY B 340 3.30 -3.30 -9.67
N GLN B 341 3.36 -3.83 -8.44
CA GLN B 341 3.43 -3.04 -7.21
C GLN B 341 4.85 -3.04 -6.67
N PRO B 342 5.43 -1.89 -6.33
CA PRO B 342 6.79 -1.92 -5.80
C PRO B 342 6.79 -2.45 -4.38
N SER B 343 7.75 -3.33 -4.09
CA SER B 343 8.05 -3.70 -2.72
C SER B 343 8.85 -2.59 -2.06
N MET B 344 8.76 -2.52 -0.73
CA MET B 344 9.41 -1.43 -0.03
C MET B 344 9.89 -1.93 1.32
N VAL B 345 10.93 -1.29 1.82
CA VAL B 345 11.31 -1.37 3.22
C VAL B 345 11.05 -0.02 3.86
N GLY B 346 10.35 -0.02 4.99
CA GLY B 346 10.10 1.16 5.78
C GLY B 346 10.95 1.12 7.05
N VAL B 347 11.46 2.28 7.43
CA VAL B 347 12.34 2.41 8.59
C VAL B 347 11.83 3.55 9.46
N ALA B 348 11.76 3.30 10.77
CA ALA B 348 11.37 4.28 11.77
C ALA B 348 12.21 4.01 13.01
N LYS B 349 12.43 5.03 13.83
CA LYS B 349 13.15 4.78 15.07
C LYS B 349 12.33 3.89 15.99
N ALA B 350 12.99 2.87 16.52
CA ALA B 350 12.37 1.93 17.47
C ALA B 350 12.13 2.60 18.81
N ARG B 351 11.03 2.21 19.44
CA ARG B 351 10.72 2.70 20.78
C ARG B 351 11.60 1.96 21.76
N ALA B 352 12.49 2.69 22.43
CA ALA B 352 13.52 2.06 23.23
C ALA B 352 12.94 1.44 24.50
N ALA B 353 13.61 0.40 24.98
CA ALA B 353 13.27 -0.19 26.26
C ALA B 353 13.83 0.70 27.36
N ALA B 354 13.06 0.85 28.44
CA ALA B 354 13.55 1.60 29.59
C ALA B 354 14.87 1.04 30.06
N GLU B 355 15.71 1.91 30.60
CA GLU B 355 16.97 1.50 31.23
C GLU B 355 16.98 1.92 32.70
N ALA B 356 17.60 1.10 33.54
CA ALA B 356 17.65 1.40 34.96
C ALA B 356 18.92 2.18 35.30
C1 NAG C . -23.73 30.66 9.36
C2 NAG C . -22.97 30.27 10.64
C3 NAG C . -23.28 31.25 11.77
C4 NAG C . -23.16 32.71 11.34
C5 NAG C . -23.91 32.94 10.02
C6 NAG C . -23.69 34.31 9.43
C7 NAG C . -22.38 27.94 11.16
C8 NAG C . -22.91 26.61 11.62
N2 NAG C . -23.29 28.92 11.04
O3 NAG C . -22.41 30.99 12.86
O4 NAG C . -23.73 33.55 12.33
O5 NAG C . -23.47 31.99 9.04
O6 NAG C . -22.30 34.64 9.39
O7 NAG C . -21.20 28.11 10.91
C1 NAG C . -22.75 34.36 12.99
C2 NAG C . -23.45 35.54 13.68
C3 NAG C . -22.45 36.36 14.51
C4 NAG C . -21.66 35.46 15.45
C5 NAG C . -21.04 34.29 14.68
C6 NAG C . -20.37 33.30 15.60
C7 NAG C . -25.46 36.37 12.54
C8 NAG C . -26.00 37.31 11.50
N2 NAG C . -24.13 36.38 12.71
O3 NAG C . -23.17 37.32 15.26
O4 NAG C . -20.59 36.20 16.03
O5 NAG C . -22.07 33.58 13.98
O6 NAG C . -21.31 32.44 16.22
O7 NAG C . -26.19 35.64 13.20
C1 BMA C . -21.10 37.05 17.11
C2 BMA C . -20.29 36.63 18.43
C3 BMA C . -20.27 37.76 19.48
C4 BMA C . -20.09 39.14 18.81
C5 BMA C . -21.27 39.33 17.81
C6 BMA C . -21.45 40.75 17.25
O2 BMA C . -18.94 36.29 18.16
O3 BMA C . -19.25 37.51 20.45
O4 BMA C . -20.10 40.15 19.79
O5 BMA C . -21.00 38.44 16.73
O6 BMA C . -22.70 40.81 16.53
C1 NAG D . 0.21 -28.37 -3.67
C2 NAG D . 1.51 -28.24 -4.45
C3 NAG D . 1.24 -28.56 -5.91
C4 NAG D . 0.57 -29.92 -6.05
C5 NAG D . -0.57 -30.16 -5.04
C6 NAG D . -0.93 -31.63 -4.91
C7 NAG D . 3.37 -26.68 -4.77
C8 NAG D . 3.89 -25.28 -4.57
N2 NAG D . 2.13 -26.93 -4.32
O3 NAG D . 2.45 -28.51 -6.66
O4 NAG D . -0.02 -30.01 -7.34
O5 NAG D . -0.23 -29.70 -3.72
O6 NAG D . -1.86 -32.05 -5.89
O7 NAG D . 4.05 -27.54 -5.32
C1 NAG D . 0.54 -31.12 -8.06
C2 NAG D . -0.12 -31.19 -9.44
C3 NAG D . 0.54 -32.24 -10.32
C4 NAG D . 2.06 -32.08 -10.34
C5 NAG D . 2.59 -31.99 -8.91
C6 NAG D . 4.07 -31.70 -8.82
C7 NAG D . -2.50 -30.87 -10.01
C8 NAG D . -2.05 -29.83 -10.98
N2 NAG D . -1.54 -31.48 -9.30
O3 NAG D . 0.03 -32.15 -11.65
O4 NAG D . 2.66 -33.20 -10.98
O5 NAG D . 1.94 -30.92 -8.22
O6 NAG D . 4.58 -32.06 -7.55
O7 NAG D . -3.69 -31.16 -9.86
C01 I0L E . -23.80 15.37 -16.25
C02 I0L E . -24.60 14.95 -15.22
C03 I0L E . -18.40 13.74 -20.17
C04 I0L E . -23.00 14.47 -16.92
C05 I0L E . -24.60 13.62 -14.83
C06 I0L E . -17.10 14.21 -20.32
C07 I0L E . -18.29 14.18 -17.82
C08 I0L E . -19.00 13.71 -18.91
C09 I0L E . -22.97 13.12 -16.57
C10 I0L E . -16.98 14.67 -17.95
C11 I0L E . -23.78 12.72 -15.50
C12 I0L E . -16.41 14.66 -19.21
C13 I0L E . -17.78 17.35 -16.84
C14 I0L E . -17.33 16.19 -14.78
C15 I0L E . -20.40 13.21 -18.76
C16 I0L E . -18.64 18.32 -16.07
C17 I0L E . -14.94 15.93 -17.18
C18 I0L E . -21.89 10.91 -16.42
C19 I0L E . -14.30 15.11 -18.27
C20 I0L E . -16.30 15.36 -16.79
C21 I0L E . -22.05 12.16 -17.28
C22 I0L E . -19.30 17.72 -14.85
C23 I0L E . -23.23 10.39 -15.91
C24 I0L E . -23.06 9.18 -15.00
C25 I0L E . -24.20 10.11 -17.03
C26 I0L E . -20.90 19.68 -14.43
C27 I0L E . -20.91 15.81 -14.21
C28 I0L E . -19.70 18.89 -13.95
C29 I0L E . -20.47 16.82 -15.27
N01 I0L E . -18.32 16.87 -14.15
N02 I0L E . -17.17 16.33 -16.11
N03 I0L E . -20.76 12.78 -17.54
N04 I0L E . -16.53 15.37 -14.19
O01 I0L E . -17.64 17.45 -18.04
O02 I0L E . -21.17 13.17 -19.71
O03 I0L E . -15.11 15.07 -19.45
O04 I0L E . -23.79 11.43 -15.05
C1 GOL F . 27.24 13.94 7.14
O1 GOL F . 28.64 13.75 7.18
C2 GOL F . 26.74 13.77 5.66
O2 GOL F . 25.34 13.89 5.56
C3 GOL F . 27.48 14.87 4.83
O3 GOL F . 26.66 16.03 4.84
C1 GOL G . 4.55 9.42 18.81
O1 GOL G . 5.68 9.43 18.01
C2 GOL G . 4.87 8.62 20.07
O2 GOL G . 6.10 8.89 20.62
C3 GOL G . 3.72 9.05 21.02
O3 GOL G . 2.95 7.93 21.34
H11 GOL G . 3.78 9.04 18.37
H12 GOL G . 4.28 10.32 19.08
HO1 GOL G . 5.43 9.79 17.27
H2 GOL G . 4.90 7.67 19.88
HO2 GOL G . 6.14 8.45 21.35
H31 GOL G . 3.21 9.75 20.57
H32 GOL G . 4.11 9.48 21.79
HO3 GOL G . 3.48 7.29 21.48
C01 I0L H . 22.56 -19.92 10.80
C02 I0L H . 21.50 -20.20 11.63
C03 I0L H . 26.77 -15.04 8.61
C04 I0L H . 23.31 -18.78 11.02
C05 I0L H . 21.18 -19.36 12.69
C06 I0L H . 26.98 -14.38 7.42
C07 I0L H . 24.41 -14.96 8.24
C08 I0L H . 25.48 -15.33 9.05
C09 I0L H . 23.00 -17.89 12.04
C10 I0L H . 24.59 -14.29 7.05
C11 I0L H . 21.93 -18.20 12.87
C12 I0L H . 25.90 -13.99 6.66
C13 I0L H . 23.36 -16.46 5.49
C14 I0L H . 21.31 -15.28 6.04
C15 I0L H . 25.28 -16.06 10.34
C16 I0L H . 22.57 -17.72 5.30
C17 I0L H . 23.89 -13.45 4.78
C18 I0L H . 22.99 -15.64 13.07
C19 I0L H . 25.09 -12.55 4.99
C20 I0L H . 23.43 -14.09 6.09
C21 I0L H . 23.79 -16.59 12.20
C22 I0L H . 21.31 -17.80 6.15
C23 I0L H . 22.46 -16.33 14.32
C24 I0L H . 21.64 -15.36 15.17
C25 I0L H . 23.57 -16.98 15.14
C26 I0L H . 20.87 -20.27 5.66
C27 I0L H . 20.66 -17.86 8.65
C28 I0L H . 20.38 -18.85 5.52
C29 I0L H . 21.71 -18.14 7.60
N01 I0L H . 20.65 -16.46 6.12
N02 I0L H . 22.67 -15.32 5.88
N03 I0L H . 24.06 -15.99 10.90
N04 I0L H . 20.78 -14.09 6.12
O01 I0L H . 24.54 -16.42 5.24
O02 I0L H . 26.19 -16.70 10.84
O03 I0L H . 26.18 -13.29 5.51
O04 I0L H . 21.54 -17.38 13.91
#